data_4R0M
#
_entry.id   4R0M
#
_cell.length_a   120.710
_cell.length_b   120.710
_cell.length_c   262.780
_cell.angle_alpha   90.00
_cell.angle_beta   90.00
_cell.angle_gamma   120.00
#
_symmetry.space_group_name_H-M   'P 32 2 1'
#
loop_
_entity.id
_entity.type
_entity.pdbx_description
1 polymer 'McyG protein'
2 non-polymer "ADENOSINE-5'-[PHENYLALANINYL-PHOSPHATE]"
3 water water
#
_entity_poly.entity_id   1
_entity_poly.type   'polypeptide(L)'
_entity_poly.pdbx_seq_one_letter_code
;(MSE)SKHSISLGGQLEDNWRTLSEVLETATKHNNHGITYIRNDATEYFQSYQDLYQDALVILNGLEQKGIKLGHKVILQ
IAKNQDFIPALWACFLGGIIPVPLTVAPSYDLENSAVKKLENVWKILDNPLILSDSELITEIEKLGTYSHLEGWQVISVN
ELRKAPSKIEQLPILDPQDAALLLFTSGSTG(MSE)PKGVILTHHNILS(MSE)TAGTVV(MSE)NHFTQQEVTLNW
(MSE)PLDHVGAIVFLGI(MSE)AVDLACDQIHVP(MSE)ELVLRQPLQWLELIQKHQVSISWSPNFAFSLINQQAEELK
HVSYNLSS(MSE)KFLVNAGEQVSVKTIRLFLEILEKHQLQERAIKPAFG(MSE)TESCSGITWSAGLSKNELTEENSFV
SLGKPIPGATIRIVDQENNPLPEREIGRLQIQGNSVTKGYYNNNELNQEVFQEGWFTTGDLGYLSKGELFITGREKQEII
INGVNYFAHELETTIEELEGVKVSYTAAFAVFDQSRETDLLIITFSPESEQFEQGIKVVRKIRSHVTQKFGIAPAYVIPL
ERNLVPKTSIGKVQKSKLKKDFEQGLFSSRIQEIDQYLAKERQKNQTLPQSENERQIAAVWSEVLQLTSVGLEDNFFELG
GHSIHLIRVQNELEKLFNRQLSLAE(MSE)FKNPTVATLARFLSEE
;
_entity_poly.pdbx_strand_id   B,A
#
loop_
_chem_comp.id
_chem_comp.type
_chem_comp.name
_chem_comp.formula
FA5 RNA linking ADENOSINE-5'-[PHENYLALANINYL-PHOSPHATE] 'C19 H23 N6 O8 P'
#
# COMPACT_ATOMS: atom_id res chain seq x y z
N SER A 7 12.34 27.70 -16.96
CA SER A 7 11.99 27.93 -15.54
C SER A 7 11.91 26.63 -14.72
N LEU A 8 11.91 25.49 -15.41
CA LEU A 8 11.84 24.17 -14.76
C LEU A 8 12.92 23.18 -15.22
N GLY A 9 12.77 21.91 -14.85
CA GLY A 9 13.78 20.90 -15.17
C GLY A 9 13.34 19.44 -15.13
N GLY A 10 14.34 18.56 -15.12
CA GLY A 10 14.13 17.11 -15.14
C GLY A 10 15.11 16.45 -16.11
N GLN A 11 16.02 15.65 -15.57
CA GLN A 11 17.04 14.97 -16.36
C GLN A 11 16.63 13.52 -16.68
N LEU A 12 16.69 13.16 -17.96
CA LEU A 12 16.29 11.82 -18.41
C LEU A 12 17.24 11.25 -19.46
N GLU A 13 17.66 10.01 -19.25
CA GLU A 13 18.57 9.31 -20.17
C GLU A 13 17.84 8.92 -21.45
N ASP A 14 18.50 9.15 -22.59
CA ASP A 14 17.92 8.88 -23.90
C ASP A 14 17.60 7.42 -24.13
N ASN A 15 16.36 7.16 -24.55
CA ASN A 15 15.91 5.83 -24.94
C ASN A 15 15.58 5.83 -26.42
N TRP A 16 16.06 4.82 -27.14
CA TRP A 16 15.85 4.76 -28.59
C TRP A 16 15.06 3.56 -29.04
N ARG A 17 14.08 3.17 -28.22
CA ARG A 17 13.16 2.10 -28.56
C ARG A 17 12.11 2.57 -29.56
N THR A 18 11.57 1.63 -30.33
CA THR A 18 10.39 1.86 -31.14
C THR A 18 9.20 1.22 -30.46
N LEU A 19 7.99 1.49 -30.96
CA LEU A 19 6.78 0.91 -30.38
C LEU A 19 6.72 -0.61 -30.52
N SER A 20 7.23 -1.13 -31.64
CA SER A 20 7.27 -2.58 -31.89
C SER A 20 8.13 -3.32 -30.85
N GLU A 21 9.28 -2.76 -30.52
CA GLU A 21 10.17 -3.33 -29.50
C GLU A 21 9.52 -3.33 -28.12
N VAL A 22 8.78 -2.27 -27.82
CA VAL A 22 8.05 -2.14 -26.56
C VAL A 22 6.98 -3.23 -26.40
N LEU A 23 6.24 -3.49 -27.48
CA LEU A 23 5.22 -4.54 -27.47
C LEU A 23 5.85 -5.95 -27.41
N GLU A 24 6.96 -6.13 -28.13
CA GLU A 24 7.69 -7.40 -28.14
C GLU A 24 8.23 -7.74 -26.75
N THR A 25 8.79 -6.76 -26.06
CA THR A 25 9.23 -6.90 -24.67
C THR A 25 8.06 -7.31 -23.76
N ALA A 26 6.87 -6.75 -24.02
CA ALA A 26 5.68 -6.99 -23.21
C ALA A 26 5.10 -8.40 -23.36
N THR A 27 5.31 -9.02 -24.53
CA THR A 27 4.79 -10.35 -24.82
C THR A 27 5.34 -11.44 -23.89
N LYS A 28 6.59 -11.28 -23.46
CA LYS A 28 7.25 -12.22 -22.55
C LYS A 28 6.47 -12.40 -21.25
N HIS A 29 5.79 -11.35 -20.82
CA HIS A 29 4.92 -11.39 -19.65
C HIS A 29 3.56 -11.88 -20.06
N ASN A 30 3.46 -13.19 -20.30
CA ASN A 30 2.17 -13.81 -20.67
C ASN A 30 1.16 -13.76 -19.52
N ASN A 31 1.65 -13.24 -18.41
CA ASN A 31 0.84 -12.97 -17.25
C ASN A 31 -0.20 -11.87 -17.53
N HIS A 32 0.24 -10.82 -18.19
CA HIS A 32 -0.47 -9.55 -18.31
C HIS A 32 -0.92 -9.24 -19.70
N GLY A 33 -1.80 -8.24 -19.81
CA GLY A 33 -2.34 -7.80 -21.09
C GLY A 33 -3.53 -6.87 -20.93
N ILE A 34 -4.42 -6.88 -21.91
CA ILE A 34 -5.56 -5.99 -21.94
C ILE A 34 -6.85 -6.70 -21.55
N THR A 35 -7.54 -6.14 -20.57
CA THR A 35 -8.88 -6.56 -20.20
C THR A 35 -9.88 -5.57 -20.78
N TYR A 36 -10.72 -6.07 -21.69
CA TYR A 36 -11.78 -5.25 -22.28
C TYR A 36 -13.10 -5.48 -21.54
N ILE A 37 -13.66 -4.40 -21.00
CA ILE A 37 -15.01 -4.44 -20.44
C ILE A 37 -15.99 -4.13 -21.57
N ARG A 38 -16.96 -5.01 -21.77
CA ARG A 38 -17.99 -4.80 -22.78
C ARG A 38 -19.15 -3.98 -22.21
N ASN A 39 -20.05 -3.54 -23.09
CA ASN A 39 -21.22 -2.75 -22.68
C ASN A 39 -22.12 -3.46 -21.66
N ASP A 40 -22.24 -4.78 -21.79
CA ASP A 40 -23.03 -5.58 -20.85
C ASP A 40 -22.23 -5.97 -19.60
N ALA A 41 -21.10 -5.30 -19.39
CA ALA A 41 -20.22 -5.49 -18.21
C ALA A 41 -19.51 -6.85 -18.12
N THR A 42 -19.59 -7.65 -19.18
CA THR A 42 -18.79 -8.87 -19.28
C THR A 42 -17.36 -8.51 -19.64
N GLU A 43 -16.44 -9.44 -19.43
CA GLU A 43 -15.01 -9.16 -19.61
C GLU A 43 -14.34 -10.10 -20.60
N TYR A 44 -13.27 -9.61 -21.23
CA TYR A 44 -12.50 -10.37 -22.20
C TYR A 44 -11.02 -10.01 -22.05
N PHE A 45 -10.22 -11.01 -21.70
CA PHE A 45 -8.79 -10.82 -21.50
C PHE A 45 -8.00 -11.17 -22.76
N GLN A 46 -7.10 -10.27 -23.15
CA GLN A 46 -6.18 -10.49 -24.25
C GLN A 46 -4.78 -10.18 -23.76
N SER A 47 -3.97 -11.22 -23.57
CA SER A 47 -2.58 -11.06 -23.15
C SER A 47 -1.78 -10.32 -24.21
N TYR A 48 -0.67 -9.71 -23.80
CA TYR A 48 0.18 -8.96 -24.73
C TYR A 48 0.69 -9.82 -25.88
N GLN A 49 0.87 -11.11 -25.62
CA GLN A 49 1.22 -12.09 -26.64
C GLN A 49 0.09 -12.26 -27.66
N ASP A 50 -1.15 -12.36 -27.17
CA ASP A 50 -2.33 -12.47 -28.04
C ASP A 50 -2.54 -11.21 -28.87
N LEU A 51 -2.35 -10.05 -28.25
CA LEU A 51 -2.46 -8.76 -28.92
C LEU A 51 -1.47 -8.67 -30.08
N TYR A 52 -0.21 -9.02 -29.78
CA TYR A 52 0.85 -9.04 -30.78
C TYR A 52 0.50 -9.95 -31.96
N GLN A 53 0.01 -11.16 -31.66
CA GLN A 53 -0.38 -12.10 -32.70
C GLN A 53 -1.57 -11.60 -33.52
N ASP A 54 -2.53 -10.98 -32.84
CA ASP A 54 -3.71 -10.40 -33.48
C ASP A 54 -3.31 -9.25 -34.41
N ALA A 55 -2.43 -8.38 -33.92
CA ALA A 55 -1.91 -7.25 -34.69
C ALA A 55 -1.22 -7.69 -35.99
N LEU A 56 -0.44 -8.77 -35.92
CA LEU A 56 0.25 -9.30 -37.10
C LEU A 56 -0.71 -9.77 -38.18
N VAL A 57 -1.82 -10.39 -37.76
CA VAL A 57 -2.86 -10.87 -38.68
C VAL A 57 -3.53 -9.68 -39.39
N ILE A 58 -3.89 -8.66 -38.61
CA ILE A 58 -4.50 -7.45 -39.13
C ILE A 58 -3.53 -6.71 -40.06
N LEU A 59 -2.27 -6.64 -39.63
CA LEU A 59 -1.20 -6.03 -40.43
C LEU A 59 -1.07 -6.68 -41.81
N ASN A 60 -1.13 -8.01 -41.84
CA ASN A 60 -1.08 -8.76 -43.09
C ASN A 60 -2.28 -8.45 -43.97
N GLY A 61 -3.45 -8.32 -43.35
CA GLY A 61 -4.67 -7.87 -44.03
C GLY A 61 -4.50 -6.50 -44.64
N LEU A 62 -3.86 -5.59 -43.90
CA LEU A 62 -3.57 -4.25 -44.39
C LEU A 62 -2.64 -4.27 -45.61
N GLU A 63 -1.55 -5.03 -45.50
CA GLU A 63 -0.59 -5.21 -46.59
C GLU A 63 -1.25 -5.78 -47.85
N GLN A 64 -2.13 -6.75 -47.68
CA GLN A 64 -2.84 -7.38 -48.80
C GLN A 64 -3.81 -6.44 -49.50
N LYS A 65 -4.26 -5.41 -48.80
CA LYS A 65 -5.12 -4.38 -49.40
C LYS A 65 -4.31 -3.27 -50.08
N GLY A 66 -2.98 -3.38 -50.03
CA GLY A 66 -2.10 -2.44 -50.71
C GLY A 66 -1.59 -1.30 -49.85
N ILE A 67 -1.86 -1.36 -48.54
CA ILE A 67 -1.39 -0.34 -47.62
C ILE A 67 0.06 -0.62 -47.24
N LYS A 68 0.93 0.33 -47.56
CA LYS A 68 2.37 0.15 -47.39
C LYS A 68 2.95 0.99 -46.25
N LEU A 69 4.21 0.74 -45.92
CA LEU A 69 4.93 1.49 -44.91
C LEU A 69 4.91 2.99 -45.24
N GLY A 70 4.68 3.81 -44.22
CA GLY A 70 4.65 5.26 -44.41
C GLY A 70 3.28 5.82 -44.78
N HIS A 71 2.39 4.95 -45.25
CA HIS A 71 1.01 5.36 -45.56
C HIS A 71 0.22 5.61 -44.32
N LYS A 72 -0.86 6.36 -44.46
CA LYS A 72 -1.75 6.66 -43.34
C LYS A 72 -3.10 5.96 -43.52
N VAL A 73 -3.68 5.54 -42.40
CA VAL A 73 -5.03 4.98 -42.38
C VAL A 73 -5.86 5.62 -41.28
N ILE A 74 -7.11 5.95 -41.61
CA ILE A 74 -8.03 6.57 -40.64
C ILE A 74 -8.72 5.51 -39.81
N LEU A 75 -8.82 5.74 -38.50
CA LEU A 75 -9.51 4.83 -37.59
C LEU A 75 -10.88 5.37 -37.19
N GLN A 76 -11.91 4.57 -37.45
CA GLN A 76 -13.27 4.86 -37.05
C GLN A 76 -13.88 3.62 -36.41
N ILE A 77 -13.32 3.24 -35.27
CA ILE A 77 -13.64 1.98 -34.60
C ILE A 77 -14.16 2.24 -33.18
N ALA A 78 -15.43 1.91 -32.95
CA ALA A 78 -16.05 2.09 -31.64
C ALA A 78 -15.75 0.93 -30.69
N LYS A 79 -15.62 -0.27 -31.25
CA LYS A 79 -15.35 -1.47 -30.46
C LYS A 79 -13.89 -1.55 -30.03
N ASN A 80 -13.66 -1.48 -28.72
CA ASN A 80 -12.31 -1.47 -28.17
C ASN A 80 -11.47 -2.71 -28.49
N GLN A 81 -12.13 -3.86 -28.62
CA GLN A 81 -11.47 -5.12 -28.97
C GLN A 81 -10.95 -5.12 -30.41
N ASP A 82 -11.41 -4.16 -31.21
CA ASP A 82 -10.97 -4.00 -32.59
C ASP A 82 -9.99 -2.85 -32.75
N PHE A 83 -10.18 -1.80 -31.94
CA PHE A 83 -9.37 -0.58 -32.05
C PHE A 83 -7.90 -0.81 -31.70
N ILE A 84 -7.65 -1.32 -30.50
CA ILE A 84 -6.29 -1.52 -30.00
C ILE A 84 -5.45 -2.48 -30.86
N PRO A 85 -5.98 -3.67 -31.21
CA PRO A 85 -5.23 -4.53 -32.12
C PRO A 85 -4.92 -3.89 -33.47
N ALA A 86 -5.87 -3.11 -34.01
CA ALA A 86 -5.69 -2.42 -35.28
C ALA A 86 -4.67 -1.29 -35.18
N LEU A 87 -4.66 -0.59 -34.04
CA LEU A 87 -3.71 0.48 -33.77
C LEU A 87 -2.28 -0.07 -33.72
N TRP A 88 -2.11 -1.16 -32.98
CA TRP A 88 -0.82 -1.84 -32.86
C TRP A 88 -0.39 -2.50 -34.13
N ALA A 89 -1.35 -2.98 -34.92
CA ALA A 89 -1.05 -3.49 -36.26
C ALA A 89 -0.32 -2.44 -37.09
N CYS A 90 -0.86 -1.23 -37.08
CA CYS A 90 -0.27 -0.09 -37.78
C CYS A 90 1.12 0.25 -37.22
N PHE A 91 1.24 0.25 -35.89
CA PHE A 91 2.53 0.53 -35.24
C PHE A 91 3.62 -0.45 -35.71
N LEU A 92 3.30 -1.73 -35.73
CA LEU A 92 4.25 -2.79 -36.11
C LEU A 92 4.69 -2.71 -37.57
N GLY A 93 3.77 -2.30 -38.45
CA GLY A 93 4.06 -2.26 -39.88
C GLY A 93 4.62 -0.94 -40.39
N GLY A 94 4.79 0.03 -39.51
CA GLY A 94 5.22 1.37 -39.89
C GLY A 94 4.16 2.14 -40.66
N ILE A 95 2.91 1.72 -40.51
CA ILE A 95 1.76 2.44 -41.06
C ILE A 95 1.28 3.41 -39.99
N ILE A 96 1.01 4.64 -40.37
CA ILE A 96 0.59 5.66 -39.41
C ILE A 96 -0.93 5.64 -39.20
N PRO A 97 -1.38 5.22 -38.01
CA PRO A 97 -2.81 5.26 -37.71
C PRO A 97 -3.27 6.68 -37.42
N VAL A 98 -4.47 7.02 -37.89
CA VAL A 98 -5.05 8.33 -37.65
C VAL A 98 -6.40 8.15 -36.97
N PRO A 99 -6.40 8.01 -35.63
CA PRO A 99 -7.63 7.76 -34.90
C PRO A 99 -8.48 9.02 -34.82
N LEU A 100 -9.76 8.89 -35.18
CA LEU A 100 -10.69 10.00 -35.08
C LEU A 100 -11.94 9.57 -34.30
N THR A 101 -12.59 10.55 -33.68
CA THR A 101 -13.80 10.32 -32.91
C THR A 101 -14.87 9.69 -33.79
N VAL A 102 -15.51 8.64 -33.27
CA VAL A 102 -16.65 8.02 -33.92
C VAL A 102 -17.85 8.97 -33.77
N ALA A 103 -18.47 9.31 -34.89
CA ALA A 103 -19.61 10.23 -34.93
C ALA A 103 -20.82 9.65 -34.20
N PRO A 104 -21.64 10.52 -33.56
CA PRO A 104 -22.90 10.08 -32.94
C PRO A 104 -23.89 9.54 -33.97
N SER A 105 -23.83 10.07 -35.19
CA SER A 105 -24.54 9.50 -36.33
C SER A 105 -23.84 9.91 -37.63
N TYR A 106 -24.11 9.18 -38.71
CA TYR A 106 -23.47 9.44 -40.00
C TYR A 106 -24.45 9.90 -41.07
N ASP A 107 -25.70 10.11 -40.67
CA ASP A 107 -26.75 10.60 -41.57
C ASP A 107 -27.26 11.99 -41.17
N LEU A 108 -26.75 12.50 -40.04
CA LEU A 108 -27.09 13.84 -39.57
C LEU A 108 -25.84 14.69 -39.42
N GLU A 109 -26.03 16.01 -39.50
CA GLU A 109 -24.95 16.99 -39.48
C GLU A 109 -24.31 17.12 -38.09
N ASN A 110 -23.03 16.81 -38.00
CA ASN A 110 -22.26 16.93 -36.75
C ASN A 110 -20.76 17.15 -36.99
N SER A 111 -20.07 17.67 -35.97
CA SER A 111 -18.67 18.06 -36.10
C SER A 111 -17.73 16.88 -36.37
N ALA A 112 -18.08 15.70 -35.85
CA ALA A 112 -17.28 14.50 -36.03
C ALA A 112 -17.29 14.00 -37.48
N VAL A 113 -18.46 14.07 -38.12
CA VAL A 113 -18.59 13.76 -39.55
C VAL A 113 -17.75 14.73 -40.39
N LYS A 114 -17.79 16.02 -40.04
CA LYS A 114 -17.02 17.05 -40.75
C LYS A 114 -15.51 16.84 -40.59
N LYS A 115 -15.09 16.48 -39.37
CA LYS A 115 -13.69 16.21 -39.09
C LYS A 115 -13.18 15.03 -39.92
N LEU A 116 -13.95 13.95 -39.92
CA LEU A 116 -13.64 12.76 -40.72
C LEU A 116 -13.43 13.11 -42.19
N GLU A 117 -14.35 13.88 -42.76
CA GLU A 117 -14.27 14.29 -44.16
C GLU A 117 -13.11 15.24 -44.42
N ASN A 118 -12.88 16.18 -43.51
CA ASN A 118 -11.78 17.15 -43.65
C ASN A 118 -10.41 16.47 -43.57
N VAL A 119 -10.22 15.64 -42.57
CA VAL A 119 -8.97 14.89 -42.38
C VAL A 119 -8.73 13.99 -43.59
N TRP A 120 -9.79 13.31 -44.04
CA TRP A 120 -9.73 12.45 -45.23
C TRP A 120 -9.22 13.18 -46.44
N LYS A 121 -9.66 14.42 -46.61
CA LYS A 121 -9.22 15.26 -47.72
C LYS A 121 -7.77 15.74 -47.54
N ILE A 122 -7.43 16.10 -46.30
CA ILE A 122 -6.06 16.54 -45.97
C ILE A 122 -5.02 15.44 -46.25
N LEU A 123 -5.40 14.18 -46.03
CA LEU A 123 -4.49 13.05 -46.14
C LEU A 123 -4.53 12.32 -47.49
N ASP A 124 -5.13 12.97 -48.49
CA ASP A 124 -5.23 12.43 -49.86
C ASP A 124 -5.93 11.06 -49.93
N ASN A 125 -7.17 11.01 -49.46
CA ASN A 125 -8.04 9.83 -49.59
C ASN A 125 -7.48 8.52 -49.01
N PRO A 126 -7.15 8.50 -47.71
CA PRO A 126 -6.65 7.27 -47.12
C PRO A 126 -7.78 6.29 -46.78
N LEU A 127 -7.43 5.01 -46.65
CA LEU A 127 -8.36 3.97 -46.25
C LEU A 127 -8.89 4.20 -44.83
N ILE A 128 -10.14 3.84 -44.61
CA ILE A 128 -10.77 4.00 -43.31
C ILE A 128 -11.01 2.63 -42.66
N LEU A 129 -10.47 2.46 -41.46
CA LEU A 129 -10.67 1.26 -40.66
C LEU A 129 -11.90 1.43 -39.78
N SER A 130 -12.80 0.47 -39.81
CA SER A 130 -14.00 0.50 -38.98
C SER A 130 -14.25 -0.85 -38.30
N ASP A 131 -15.34 -0.94 -37.55
CA ASP A 131 -15.80 -2.22 -37.01
C ASP A 131 -17.05 -2.68 -37.76
N SER A 132 -17.51 -3.89 -37.47
CA SER A 132 -18.64 -4.51 -38.18
C SER A 132 -19.97 -3.78 -37.99
N GLU A 133 -20.10 -3.09 -36.86
CA GLU A 133 -21.32 -2.34 -36.55
C GLU A 133 -21.44 -1.05 -37.39
N LEU A 134 -20.30 -0.37 -37.59
CA LEU A 134 -20.28 0.95 -38.22
C LEU A 134 -19.99 0.95 -39.72
N ILE A 135 -19.46 -0.15 -40.22
CA ILE A 135 -19.00 -0.26 -41.63
C ILE A 135 -20.01 0.29 -42.65
N THR A 136 -21.28 -0.12 -42.53
CA THR A 136 -22.32 0.22 -43.48
C THR A 136 -22.67 1.71 -43.47
N GLU A 137 -22.79 2.27 -42.27
CA GLU A 137 -23.11 3.69 -42.09
C GLU A 137 -22.06 4.60 -42.71
N ILE A 138 -20.78 4.24 -42.52
CA ILE A 138 -19.67 5.04 -42.99
C ILE A 138 -19.52 4.99 -44.52
N GLU A 139 -19.81 3.82 -45.10
CA GLU A 139 -19.83 3.68 -46.56
C GLU A 139 -20.96 4.50 -47.18
N LYS A 140 -22.12 4.47 -46.53
CA LYS A 140 -23.30 5.22 -46.95
C LYS A 140 -23.03 6.71 -47.07
N LEU A 141 -22.36 7.26 -46.06
CA LEU A 141 -21.91 8.66 -46.06
C LEU A 141 -21.06 8.97 -47.30
N GLY A 142 -20.18 8.04 -47.66
CA GLY A 142 -19.31 8.20 -48.82
C GLY A 142 -20.07 8.28 -50.14
N THR A 143 -21.05 7.40 -50.30
CA THR A 143 -21.87 7.36 -51.52
C THR A 143 -22.85 8.54 -51.59
N TYR A 144 -23.46 8.87 -50.45
CA TYR A 144 -24.40 9.99 -50.35
C TYR A 144 -23.75 11.35 -50.61
N SER A 145 -22.54 11.54 -50.11
CA SER A 145 -21.79 12.78 -50.33
C SER A 145 -20.83 12.66 -51.51
N HIS A 146 -20.98 11.58 -52.29
CA HIS A 146 -20.22 11.36 -53.53
C HIS A 146 -18.74 11.60 -53.40
N LEU A 147 -18.15 11.00 -52.38
CA LEU A 147 -16.73 11.19 -52.09
C LEU A 147 -15.89 10.16 -52.86
N GLU A 148 -15.10 10.67 -53.81
CA GLU A 148 -14.36 9.84 -54.76
C GLU A 148 -13.22 9.08 -54.10
N GLY A 149 -13.25 7.75 -54.22
CA GLY A 149 -12.21 6.88 -53.67
C GLY A 149 -12.42 6.47 -52.22
N TRP A 150 -13.60 6.80 -51.70
CA TRP A 150 -14.00 6.47 -50.33
C TRP A 150 -14.01 4.98 -50.14
N GLN A 151 -13.13 4.51 -49.26
CA GLN A 151 -13.00 3.08 -48.98
C GLN A 151 -12.98 2.81 -47.48
N VAL A 152 -13.81 1.85 -47.07
CA VAL A 152 -13.91 1.45 -45.67
C VAL A 152 -13.77 -0.06 -45.56
N ILE A 153 -13.03 -0.51 -44.55
CA ILE A 153 -12.89 -1.95 -44.29
C ILE A 153 -12.96 -2.25 -42.79
N SER A 154 -13.61 -3.36 -42.45
CA SER A 154 -13.72 -3.78 -41.05
C SER A 154 -12.45 -4.50 -40.59
N VAL A 155 -12.15 -4.38 -39.30
CA VAL A 155 -11.03 -5.08 -38.69
C VAL A 155 -11.20 -6.60 -38.80
N ASN A 156 -12.45 -7.06 -38.64
CA ASN A 156 -12.78 -8.49 -38.76
C ASN A 156 -12.60 -9.08 -40.15
N GLU A 157 -12.67 -8.24 -41.19
CA GLU A 157 -12.36 -8.68 -42.54
C GLU A 157 -10.84 -8.82 -42.72
N LEU A 158 -10.09 -7.92 -42.09
CA LEU A 158 -8.63 -7.96 -42.11
C LEU A 158 -8.09 -9.14 -41.30
N ARG A 159 -8.86 -9.56 -40.30
CA ARG A 159 -8.53 -10.73 -39.48
C ARG A 159 -8.69 -12.04 -40.26
N LYS A 160 -9.36 -11.97 -41.39
CA LYS A 160 -9.58 -13.11 -42.22
C LYS A 160 -8.48 -13.35 -43.19
N ALA A 161 -7.54 -12.43 -43.27
CA ALA A 161 -6.54 -12.49 -44.29
C ALA A 161 -5.70 -13.73 -44.15
N PRO A 162 -5.51 -14.39 -45.28
CA PRO A 162 -4.69 -15.60 -45.24
C PRO A 162 -3.42 -14.96 -44.78
N SER A 163 -2.85 -15.46 -43.71
CA SER A 163 -1.82 -14.70 -43.11
C SER A 163 -0.46 -15.22 -43.51
N LYS A 164 0.09 -14.50 -44.48
CA LYS A 164 1.32 -14.87 -45.13
C LYS A 164 2.25 -13.90 -44.43
N ILE A 165 2.48 -14.14 -43.17
CA ILE A 165 3.19 -13.11 -42.42
C ILE A 165 4.70 -13.11 -42.71
N GLU A 166 5.20 -11.94 -43.08
CA GLU A 166 6.62 -11.73 -43.34
C GLU A 166 7.26 -11.07 -42.12
N GLN A 167 8.55 -10.76 -42.19
CA GLN A 167 9.29 -10.12 -41.10
C GLN A 167 8.86 -8.68 -40.89
N LEU A 168 8.93 -8.22 -39.64
CA LEU A 168 8.59 -6.85 -39.28
C LEU A 168 9.69 -5.87 -39.68
N PRO A 169 9.31 -4.64 -40.10
CA PRO A 169 10.31 -3.64 -40.47
C PRO A 169 11.03 -3.05 -39.27
N ILE A 170 12.31 -2.72 -39.45
CA ILE A 170 13.06 -2.00 -38.42
C ILE A 170 12.87 -0.50 -38.66
N LEU A 171 12.39 0.19 -37.62
CA LEU A 171 11.95 1.57 -37.78
C LEU A 171 12.85 2.56 -37.05
N ASP A 172 12.89 3.79 -37.56
CA ASP A 172 13.56 4.90 -36.89
C ASP A 172 12.58 5.44 -35.83
N PRO A 173 13.02 5.49 -34.56
CA PRO A 173 12.18 6.07 -33.51
C PRO A 173 11.85 7.55 -33.73
N GLN A 174 12.63 8.21 -34.60
CA GLN A 174 12.40 9.62 -34.94
C GLN A 174 11.37 9.78 -36.08
N ASP A 175 10.95 8.67 -36.68
CA ASP A 175 9.89 8.70 -37.68
C ASP A 175 8.54 8.83 -37.00
N ALA A 176 7.58 9.41 -37.73
CA ALA A 176 6.20 9.51 -37.27
C ALA A 176 5.60 8.13 -37.00
N ALA A 177 4.94 8.00 -35.85
CA ALA A 177 4.29 6.76 -35.47
C ALA A 177 2.78 6.94 -35.28
N LEU A 178 2.37 8.17 -34.99
CA LEU A 178 0.99 8.47 -34.66
C LEU A 178 0.61 9.89 -35.07
N LEU A 179 -0.51 10.01 -35.76
CA LEU A 179 -1.02 11.31 -36.18
C LEU A 179 -2.40 11.55 -35.57
N LEU A 180 -2.50 12.53 -34.68
CA LEU A 180 -3.74 12.85 -33.99
C LEU A 180 -4.23 14.27 -34.28
N PHE A 181 -5.40 14.36 -34.89
CA PHE A 181 -6.00 15.63 -35.24
C PHE A 181 -6.86 16.19 -34.11
N THR A 182 -6.58 17.45 -33.75
CA THR A 182 -7.42 18.19 -32.80
C THR A 182 -8.17 19.29 -33.54
N SER A 183 -9.40 19.55 -33.12
CA SER A 183 -10.19 20.64 -33.69
C SER A 183 -9.68 21.97 -33.15
N GLY A 184 -9.33 22.88 -34.06
CA GLY A 184 -8.89 24.22 -33.67
C GLY A 184 -10.06 25.10 -33.26
N SER A 185 -9.75 26.35 -32.91
CA SER A 185 -10.77 27.33 -32.57
C SER A 185 -11.67 27.63 -33.77
N THR A 186 -11.06 27.78 -34.94
CA THR A 186 -11.76 28.00 -36.20
C THR A 186 -11.14 27.19 -37.34
N GLY A 187 -11.94 26.85 -38.34
CA GLY A 187 -11.45 26.26 -39.59
C GLY A 187 -11.03 24.81 -39.53
N MSE A 188 -9.88 24.52 -40.15
CA MSE A 188 -9.41 23.14 -40.34
C MSE A 188 -8.77 22.57 -39.09
O MSE A 188 -8.24 23.32 -38.26
CB MSE A 188 -8.40 23.12 -41.51
CG MSE A 188 -9.05 23.46 -42.85
SE MSE A 188 -10.27 22.03 -43.44
CE MSE A 188 -9.23 21.33 -44.96
N PRO A 189 -8.84 21.23 -38.93
CA PRO A 189 -8.22 20.57 -37.78
C PRO A 189 -6.69 20.52 -37.86
N LYS A 190 -6.05 20.47 -36.69
CA LYS A 190 -4.60 20.51 -36.60
C LYS A 190 -4.04 19.11 -36.33
N GLY A 191 -3.16 18.64 -37.22
CA GLY A 191 -2.63 17.29 -37.16
C GLY A 191 -1.32 17.15 -36.41
N VAL A 192 -1.41 16.69 -35.17
CA VAL A 192 -0.22 16.54 -34.32
C VAL A 192 0.57 15.29 -34.71
N ILE A 193 1.81 15.50 -35.12
CA ILE A 193 2.72 14.41 -35.46
C ILE A 193 3.43 13.93 -34.19
N LEU A 194 3.31 12.64 -33.90
CA LEU A 194 3.99 12.05 -32.75
C LEU A 194 4.89 10.89 -33.17
N THR A 195 6.17 11.03 -32.86
CA THR A 195 7.16 10.01 -33.16
C THR A 195 7.17 8.97 -32.04
N HIS A 196 7.83 7.83 -32.30
CA HIS A 196 8.08 6.82 -31.26
C HIS A 196 8.80 7.45 -30.11
N HIS A 197 9.80 8.26 -30.43
CA HIS A 197 10.63 8.93 -29.43
C HIS A 197 9.84 9.91 -28.61
N ASN A 198 8.90 10.62 -29.23
CA ASN A 198 7.96 11.48 -28.51
C ASN A 198 7.20 10.71 -27.44
N ILE A 199 6.54 9.64 -27.87
CA ILE A 199 5.67 8.83 -27.01
C ILE A 199 6.45 8.15 -25.88
N LEU A 200 7.54 7.48 -26.24
CA LEU A 200 8.32 6.71 -25.27
C LEU A 200 9.13 7.58 -24.32
N SER A 201 9.38 8.82 -24.72
CA SER A 201 10.01 9.81 -23.83
C SER A 201 9.01 10.33 -22.79
N MSE A 202 7.72 10.31 -23.06
CA MSE A 202 6.72 10.65 -22.10
C MSE A 202 6.58 9.50 -21.18
O MSE A 202 6.55 9.68 -19.98
CB MSE A 202 5.42 10.98 -22.83
CG MSE A 202 4.22 11.24 -21.93
SE MSE A 202 3.33 9.67 -21.23
CE MSE A 202 2.26 10.41 -19.86
N THR A 203 6.51 8.30 -21.73
CA THR A 203 6.34 7.09 -20.94
C THR A 203 7.43 6.95 -19.89
N ALA A 204 8.68 7.02 -20.34
CA ALA A 204 9.84 6.90 -19.46
C ALA A 204 9.82 7.96 -18.36
N GLY A 205 9.60 9.21 -18.75
CA GLY A 205 9.55 10.33 -17.80
C GLY A 205 8.47 10.17 -16.74
N THR A 206 7.28 9.76 -17.17
CA THR A 206 6.15 9.55 -16.26
C THR A 206 6.41 8.38 -15.29
N VAL A 207 7.01 7.30 -15.81
CA VAL A 207 7.30 6.11 -15.01
C VAL A 207 8.35 6.40 -13.93
N VAL A 208 9.48 6.98 -14.34
CA VAL A 208 10.56 7.32 -13.41
C VAL A 208 10.09 8.26 -12.29
N MSE A 209 9.38 9.32 -12.68
CA MSE A 209 8.91 10.34 -11.73
C MSE A 209 7.91 9.78 -10.75
O MSE A 209 7.97 10.10 -9.56
CB MSE A 209 8.27 11.50 -12.50
CG MSE A 209 7.79 12.62 -11.58
SE MSE A 209 7.11 14.13 -12.66
CE MSE A 209 6.24 15.11 -11.18
N ASN A 210 7.01 8.94 -11.22
CA ASN A 210 5.89 8.47 -10.39
C ASN A 210 6.04 7.05 -9.85
N HIS A 211 7.17 6.42 -10.15
CA HIS A 211 7.54 5.10 -9.61
C HIS A 211 6.57 4.00 -9.98
N PHE A 212 6.20 3.96 -11.27
CA PHE A 212 5.33 2.90 -11.77
C PHE A 212 6.14 1.64 -12.09
N THR A 213 5.55 0.47 -11.84
CA THR A 213 6.19 -0.80 -12.12
C THR A 213 5.22 -1.72 -12.87
N GLN A 214 5.68 -2.92 -13.23
CA GLN A 214 4.84 -3.88 -13.98
C GLN A 214 3.66 -4.41 -13.16
N GLN A 215 3.64 -4.11 -11.87
CA GLN A 215 2.55 -4.54 -10.99
C GLN A 215 1.35 -3.59 -11.01
N GLU A 216 1.46 -2.47 -11.73
CA GLU A 216 0.38 -1.50 -11.83
C GLU A 216 -0.83 -2.08 -12.55
N VAL A 217 -2.01 -1.56 -12.21
CA VAL A 217 -3.23 -1.87 -12.93
C VAL A 217 -3.88 -0.56 -13.36
N THR A 218 -3.86 -0.29 -14.66
CA THR A 218 -4.46 0.92 -15.21
C THR A 218 -5.89 0.66 -15.69
N LEU A 219 -6.75 1.66 -15.53
CA LEU A 219 -8.12 1.60 -16.04
C LEU A 219 -8.47 2.89 -16.79
N ASN A 220 -8.85 2.73 -18.05
CA ASN A 220 -9.31 3.83 -18.88
C ASN A 220 -10.78 3.68 -19.24
N TRP A 221 -11.52 4.78 -19.18
CA TRP A 221 -12.90 4.79 -19.66
C TRP A 221 -13.18 5.92 -20.62
N MSE A 222 -12.15 6.57 -21.12
CA MSE A 222 -12.26 7.57 -22.13
C MSE A 222 -12.18 6.96 -23.48
O MSE A 222 -11.63 5.91 -23.58
CB MSE A 222 -11.12 8.56 -22.03
CG MSE A 222 -11.17 9.46 -20.81
SE MSE A 222 -12.69 10.62 -20.51
CE MSE A 222 -13.51 9.62 -19.12
N PRO A 223 -12.73 7.56 -24.50
CA PRO A 223 -12.67 6.94 -25.83
C PRO A 223 -11.24 6.81 -26.34
N LEU A 224 -10.99 5.74 -27.09
CA LEU A 224 -9.63 5.34 -27.45
C LEU A 224 -8.92 6.23 -28.46
N ASP A 225 -9.66 7.09 -29.15
CA ASP A 225 -9.07 8.00 -30.14
C ASP A 225 -8.30 9.15 -29.49
N HIS A 226 -8.56 9.42 -28.22
CA HIS A 226 -7.89 10.49 -27.51
C HIS A 226 -6.52 10.11 -27.00
N VAL A 227 -5.61 11.08 -26.98
CA VAL A 227 -4.20 10.86 -26.62
C VAL A 227 -3.98 10.28 -25.20
N GLY A 228 -4.88 10.60 -24.27
CA GLY A 228 -4.80 10.10 -22.91
C GLY A 228 -5.06 8.61 -22.80
N ALA A 229 -5.92 8.12 -23.68
CA ALA A 229 -6.28 6.70 -23.72
C ALA A 229 -5.26 5.88 -24.52
N ILE A 230 -4.71 6.48 -25.58
CA ILE A 230 -3.73 5.82 -26.42
C ILE A 230 -2.38 5.68 -25.73
N VAL A 231 -1.94 6.75 -25.08
CA VAL A 231 -0.59 6.84 -24.56
C VAL A 231 -0.52 6.54 -23.06
N PHE A 232 -1.07 7.44 -22.23
CA PHE A 232 -0.97 7.32 -20.77
C PHE A 232 -1.59 6.03 -20.22
N LEU A 233 -2.72 5.61 -20.78
CA LEU A 233 -3.40 4.41 -20.30
C LEU A 233 -3.46 3.32 -21.37
N GLY A 234 -2.54 3.39 -22.32
CA GLY A 234 -2.41 2.39 -23.36
C GLY A 234 -0.96 1.97 -23.51
N ILE A 235 -0.20 2.76 -24.26
CA ILE A 235 1.20 2.49 -24.56
C ILE A 235 2.09 2.44 -23.31
N MSE A 236 1.79 3.29 -22.32
CA MSE A 236 2.51 3.26 -21.04
C MSE A 236 2.40 1.89 -20.40
O MSE A 236 3.39 1.34 -19.95
CB MSE A 236 2.03 4.34 -20.07
CG MSE A 236 3.00 4.41 -18.88
SE MSE A 236 2.51 5.81 -17.59
CE MSE A 236 1.03 4.85 -16.72
N ALA A 237 1.18 1.35 -20.37
CA ALA A 237 0.92 0.06 -19.76
C ALA A 237 1.70 -1.06 -20.47
N VAL A 238 1.79 -0.95 -21.79
CA VAL A 238 2.58 -1.88 -22.59
C VAL A 238 4.08 -1.74 -22.26
N ASP A 239 4.54 -0.50 -22.17
CA ASP A 239 5.93 -0.19 -21.80
C ASP A 239 6.28 -0.77 -20.43
N LEU A 240 5.34 -0.68 -19.49
CA LEU A 240 5.50 -1.26 -18.17
C LEU A 240 5.26 -2.77 -18.16
N ALA A 241 4.59 -3.26 -19.19
CA ALA A 241 4.10 -4.65 -19.26
C ALA A 241 3.12 -4.98 -18.13
N CYS A 242 2.36 -3.96 -17.71
CA CYS A 242 1.38 -4.12 -16.64
C CYS A 242 -0.01 -4.38 -17.21
N ASP A 243 -0.94 -4.76 -16.34
CA ASP A 243 -2.33 -4.95 -16.73
C ASP A 243 -3.01 -3.62 -17.06
N GLN A 244 -3.74 -3.60 -18.18
CA GLN A 244 -4.53 -2.43 -18.56
C GLN A 244 -5.98 -2.79 -18.86
N ILE A 245 -6.89 -1.94 -18.42
CA ILE A 245 -8.33 -2.15 -18.56
C ILE A 245 -8.94 -1.00 -19.36
N HIS A 246 -9.83 -1.34 -20.29
CA HIS A 246 -10.53 -0.35 -21.09
C HIS A 246 -12.02 -0.54 -21.06
N VAL A 247 -12.72 0.50 -20.60
CA VAL A 247 -14.17 0.49 -20.44
C VAL A 247 -14.78 1.52 -21.39
N PRO A 248 -15.90 1.17 -22.06
CA PRO A 248 -16.56 2.18 -22.91
C PRO A 248 -17.14 3.31 -22.06
N MSE A 249 -16.99 4.54 -22.53
CA MSE A 249 -17.35 5.74 -21.76
C MSE A 249 -18.80 5.73 -21.35
O MSE A 249 -19.13 6.09 -20.22
CB MSE A 249 -17.04 7.00 -22.57
CG MSE A 249 -17.18 8.25 -21.70
SE MSE A 249 -16.64 9.87 -22.69
CE MSE A 249 -17.78 9.69 -24.28
N GLU A 250 -19.69 5.32 -22.26
CA GLU A 250 -21.12 5.33 -22.01
C GLU A 250 -21.54 4.46 -20.82
N LEU A 251 -20.79 3.38 -20.56
CA LEU A 251 -21.06 2.51 -19.42
C LEU A 251 -20.92 3.25 -18.08
N VAL A 252 -19.86 4.05 -17.97
CA VAL A 252 -19.64 4.86 -16.76
C VAL A 252 -20.56 6.08 -16.72
N LEU A 253 -20.90 6.64 -17.87
CA LEU A 253 -21.82 7.79 -17.92
C LEU A 253 -23.24 7.39 -17.51
N ARG A 254 -23.69 6.22 -17.97
CA ARG A 254 -25.00 5.69 -17.59
C ARG A 254 -25.10 5.39 -16.10
N GLN A 255 -23.96 5.01 -15.50
CA GLN A 255 -23.91 4.69 -14.07
C GLN A 255 -22.53 5.01 -13.49
N PRO A 256 -22.30 6.27 -13.09
CA PRO A 256 -20.99 6.76 -12.64
C PRO A 256 -20.29 5.92 -11.59
N LEU A 257 -21.06 5.27 -10.72
CA LEU A 257 -20.51 4.47 -9.63
C LEU A 257 -19.83 3.18 -10.08
N GLN A 258 -20.11 2.75 -11.31
CA GLN A 258 -19.45 1.60 -11.91
C GLN A 258 -17.94 1.79 -12.03
N TRP A 259 -17.51 3.04 -12.14
CA TRP A 259 -16.09 3.39 -12.14
C TRP A 259 -15.45 3.00 -10.83
N LEU A 260 -16.14 3.30 -9.73
CA LEU A 260 -15.68 2.95 -8.39
C LEU A 260 -15.73 1.43 -8.17
N GLU A 261 -16.75 0.79 -8.73
CA GLU A 261 -16.92 -0.65 -8.66
C GLU A 261 -15.77 -1.37 -9.35
N LEU A 262 -15.37 -0.87 -10.51
CA LEU A 262 -14.30 -1.47 -11.31
C LEU A 262 -12.91 -1.26 -10.71
N ILE A 263 -12.72 -0.11 -10.06
CA ILE A 263 -11.48 0.15 -9.32
C ILE A 263 -11.32 -0.87 -8.18
N GLN A 264 -12.41 -1.12 -7.46
CA GLN A 264 -12.43 -2.06 -6.35
C GLN A 264 -12.24 -3.51 -6.82
N LYS A 265 -13.01 -3.90 -7.83
CA LYS A 265 -13.03 -5.27 -8.35
C LYS A 265 -11.68 -5.70 -8.93
N HIS A 266 -11.02 -4.78 -9.64
CA HIS A 266 -9.78 -5.09 -10.34
C HIS A 266 -8.55 -4.58 -9.65
N GLN A 267 -8.73 -4.04 -8.44
CA GLN A 267 -7.63 -3.47 -7.65
C GLN A 267 -6.79 -2.51 -8.50
N VAL A 268 -7.48 -1.52 -9.07
CA VAL A 268 -6.88 -0.54 -9.98
C VAL A 268 -6.02 0.47 -9.22
N SER A 269 -4.83 0.73 -9.73
CA SER A 269 -3.87 1.62 -9.08
C SER A 269 -3.71 2.97 -9.79
N ILE A 270 -4.01 2.97 -11.09
CA ILE A 270 -3.88 4.17 -11.93
C ILE A 270 -5.13 4.36 -12.78
N SER A 271 -5.73 5.54 -12.70
CA SER A 271 -6.89 5.88 -13.53
C SER A 271 -6.96 7.38 -13.80
N TRP A 272 -7.94 7.79 -14.61
CA TRP A 272 -8.04 9.17 -15.07
C TRP A 272 -9.41 9.54 -15.59
N SER A 273 -9.79 10.79 -15.33
CA SER A 273 -10.94 11.44 -15.95
C SER A 273 -10.77 12.96 -15.88
N PRO A 274 -11.50 13.72 -16.73
CA PRO A 274 -11.50 15.17 -16.58
C PRO A 274 -12.31 15.59 -15.36
N ASN A 275 -12.24 16.88 -15.03
CA ASN A 275 -12.90 17.42 -13.85
C ASN A 275 -14.39 17.09 -13.70
N PHE A 276 -15.14 17.14 -14.81
CA PHE A 276 -16.60 16.96 -14.76
C PHE A 276 -17.01 15.60 -14.19
N ALA A 277 -16.21 14.57 -14.46
CA ALA A 277 -16.51 13.22 -14.01
C ALA A 277 -16.37 13.09 -12.49
N PHE A 278 -15.43 13.83 -11.93
CA PHE A 278 -15.30 13.95 -10.47
C PHE A 278 -16.58 14.53 -9.87
N SER A 279 -17.12 15.54 -10.54
CA SER A 279 -18.39 16.16 -10.14
C SER A 279 -19.57 15.20 -10.28
N LEU A 280 -19.57 14.38 -11.33
CA LEU A 280 -20.59 13.36 -11.53
C LEU A 280 -20.63 12.34 -10.38
N ILE A 281 -19.45 12.06 -9.82
CA ILE A 281 -19.35 11.21 -8.64
C ILE A 281 -19.90 11.94 -7.42
N ASN A 282 -19.53 13.21 -7.27
CA ASN A 282 -20.05 14.07 -6.21
C ASN A 282 -21.57 14.15 -6.18
N GLN A 283 -22.19 14.06 -7.37
CA GLN A 283 -23.66 14.01 -7.49
C GLN A 283 -24.26 12.77 -6.83
N GLN A 284 -23.44 11.73 -6.69
CA GLN A 284 -23.88 10.46 -6.11
C GLN A 284 -23.60 10.37 -4.61
N ALA A 285 -23.35 11.52 -3.98
CA ALA A 285 -23.01 11.59 -2.55
C ALA A 285 -24.02 10.88 -1.64
N GLU A 286 -25.31 10.99 -1.98
CA GLU A 286 -26.40 10.41 -1.21
C GLU A 286 -26.32 8.88 -1.17
N GLU A 287 -26.31 8.25 -2.35
CA GLU A 287 -26.25 6.79 -2.46
C GLU A 287 -24.91 6.20 -2.02
N LEU A 288 -23.89 7.05 -1.92
CA LEU A 288 -22.57 6.64 -1.44
C LEU A 288 -22.49 6.57 0.09
N LYS A 289 -23.57 6.95 0.76
CA LYS A 289 -23.68 6.82 2.21
C LYS A 289 -24.25 5.46 2.62
N HIS A 290 -24.95 4.80 1.69
CA HIS A 290 -25.65 3.55 1.98
C HIS A 290 -24.92 2.33 1.46
N VAL A 291 -23.97 2.55 0.56
CA VAL A 291 -23.03 1.51 0.14
C VAL A 291 -21.60 1.94 0.44
N SER A 292 -20.69 0.97 0.53
CA SER A 292 -19.29 1.27 0.75
C SER A 292 -18.40 0.52 -0.24
N TYR A 293 -17.46 1.26 -0.81
CA TYR A 293 -16.47 0.72 -1.73
C TYR A 293 -15.09 0.74 -1.08
N ASN A 294 -14.23 -0.17 -1.51
CA ASN A 294 -12.84 -0.18 -1.10
C ASN A 294 -11.98 0.31 -2.27
N LEU A 295 -11.42 1.51 -2.11
CA LEU A 295 -10.62 2.13 -3.17
C LEU A 295 -9.16 2.30 -2.77
N SER A 296 -8.73 1.56 -1.76
CA SER A 296 -7.36 1.66 -1.22
C SER A 296 -6.25 1.28 -2.22
N SER A 297 -6.61 0.54 -3.26
CA SER A 297 -5.66 0.17 -4.32
C SER A 297 -5.28 1.37 -5.20
N MSE A 298 -6.14 2.38 -5.24
CA MSE A 298 -6.00 3.56 -6.10
C MSE A 298 -4.97 4.48 -5.50
O MSE A 298 -5.17 5.02 -4.41
CB MSE A 298 -7.39 4.17 -6.15
CG MSE A 298 -7.71 5.26 -7.17
SE MSE A 298 -6.85 5.02 -8.93
CE MSE A 298 -5.49 6.27 -8.38
N LYS A 299 -3.86 4.68 -6.22
CA LYS A 299 -2.77 5.54 -5.73
C LYS A 299 -2.44 6.73 -6.65
N PHE A 300 -2.91 6.68 -7.90
CA PHE A 300 -2.61 7.71 -8.89
C PHE A 300 -3.86 8.09 -9.71
N LEU A 301 -4.73 8.91 -9.11
CA LEU A 301 -6.03 9.26 -9.72
C LEU A 301 -5.98 10.62 -10.39
N VAL A 302 -5.81 10.58 -11.71
CA VAL A 302 -5.57 11.79 -12.49
C VAL A 302 -6.85 12.59 -12.77
N ASN A 303 -6.81 13.86 -12.37
CA ASN A 303 -7.77 14.85 -12.82
C ASN A 303 -7.07 15.71 -13.86
N ALA A 304 -7.40 15.49 -15.13
CA ALA A 304 -6.76 16.20 -16.25
C ALA A 304 -7.63 16.21 -17.50
N GLY A 305 -7.38 17.17 -18.38
CA GLY A 305 -8.16 17.33 -19.61
C GLY A 305 -8.86 18.66 -19.70
N GLU A 306 -9.17 19.24 -18.53
CA GLU A 306 -9.82 20.54 -18.43
C GLU A 306 -9.47 21.17 -17.09
N GLN A 307 -9.82 22.44 -16.93
CA GLN A 307 -9.59 23.17 -15.68
C GLN A 307 -10.08 22.38 -14.48
N VAL A 308 -9.25 22.33 -13.44
CA VAL A 308 -9.56 21.59 -12.22
C VAL A 308 -10.20 22.52 -11.19
N SER A 309 -11.35 22.11 -10.66
CA SER A 309 -12.08 22.90 -9.68
C SER A 309 -11.71 22.54 -8.24
N VAL A 310 -11.23 23.54 -7.49
CA VAL A 310 -10.85 23.41 -6.09
C VAL A 310 -12.00 22.82 -5.25
N LYS A 311 -13.19 23.40 -5.38
CA LYS A 311 -14.36 22.98 -4.60
C LYS A 311 -14.83 21.57 -4.94
N THR A 312 -14.69 21.18 -6.21
CA THR A 312 -15.09 19.86 -6.68
C THR A 312 -14.16 18.77 -6.16
N ILE A 313 -12.85 19.03 -6.24
CA ILE A 313 -11.84 18.11 -5.71
C ILE A 313 -11.96 17.95 -4.19
N ARG A 314 -12.13 19.08 -3.49
CA ARG A 314 -12.27 19.08 -2.03
C ARG A 314 -13.43 18.20 -1.58
N LEU A 315 -14.56 18.31 -2.28
CA LEU A 315 -15.75 17.51 -1.97
C LEU A 315 -15.54 16.04 -2.33
N PHE A 316 -14.79 15.80 -3.41
CA PHE A 316 -14.48 14.45 -3.90
C PHE A 316 -13.70 13.66 -2.85
N LEU A 317 -12.70 14.31 -2.26
CA LEU A 317 -11.90 13.72 -1.18
C LEU A 317 -12.76 13.38 0.04
N GLU A 318 -13.56 14.34 0.49
CA GLU A 318 -14.42 14.18 1.66
C GLU A 318 -15.37 12.99 1.52
N ILE A 319 -15.95 12.84 0.34
CA ILE A 319 -16.89 11.76 0.06
C ILE A 319 -16.17 10.40 0.02
N LEU A 320 -15.02 10.35 -0.64
CA LEU A 320 -14.37 9.08 -0.95
C LEU A 320 -13.28 8.62 0.01
N GLU A 321 -12.83 9.50 0.92
CA GLU A 321 -11.92 9.06 1.99
C GLU A 321 -12.63 8.09 2.94
N LYS A 322 -13.95 8.19 2.99
CA LYS A 322 -14.80 7.26 3.72
C LYS A 322 -14.93 5.92 2.98
N HIS A 323 -14.28 5.85 1.81
CA HIS A 323 -14.27 4.64 0.99
C HIS A 323 -12.86 4.20 0.73
N GLN A 324 -11.99 4.51 1.69
CA GLN A 324 -10.59 4.04 1.73
C GLN A 324 -9.65 4.64 0.69
N LEU A 325 -10.08 5.71 0.02
CA LEU A 325 -9.19 6.43 -0.90
C LEU A 325 -8.09 7.10 -0.10
N GLN A 326 -6.86 6.64 -0.31
CA GLN A 326 -5.71 7.09 0.48
C GLN A 326 -5.35 8.55 0.24
N GLU A 327 -4.66 9.15 1.20
CA GLU A 327 -4.23 10.54 1.12
C GLU A 327 -3.25 10.77 -0.02
N ARG A 328 -3.44 11.87 -0.74
CA ARG A 328 -2.57 12.28 -1.85
C ARG A 328 -2.68 11.40 -3.12
N ALA A 329 -3.72 10.57 -3.17
CA ALA A 329 -3.95 9.69 -4.32
C ALA A 329 -4.38 10.46 -5.56
N ILE A 330 -5.18 11.51 -5.37
CA ILE A 330 -5.64 12.36 -6.46
C ILE A 330 -4.48 13.15 -7.05
N LYS A 331 -4.30 13.03 -8.36
CA LYS A 331 -3.21 13.70 -9.06
C LYS A 331 -3.72 14.60 -10.19
N PRO A 332 -4.00 15.89 -9.88
CA PRO A 332 -4.24 16.85 -10.95
C PRO A 332 -3.00 16.99 -11.83
N ALA A 333 -3.20 17.05 -13.14
CA ALA A 333 -2.08 17.04 -14.07
C ALA A 333 -2.36 17.91 -15.28
N PHE A 334 -1.30 18.36 -15.95
CA PHE A 334 -1.44 19.02 -17.23
C PHE A 334 -0.87 18.16 -18.36
N GLY A 335 -1.58 18.14 -19.48
CA GLY A 335 -1.12 17.46 -20.68
C GLY A 335 -1.92 17.91 -21.89
N MSE A 336 -1.46 17.50 -23.07
CA MSE A 336 -2.14 17.83 -24.33
C MSE A 336 -1.72 16.82 -25.36
O MSE A 336 -0.79 16.04 -25.14
CB MSE A 336 -1.84 19.25 -24.78
CG MSE A 336 -0.36 19.56 -24.98
SE MSE A 336 -0.05 21.50 -24.81
CE MSE A 336 -1.32 22.15 -26.18
N THR A 337 -2.42 16.83 -26.50
CA THR A 337 -2.08 15.97 -27.62
C THR A 337 -0.65 16.23 -28.09
N GLU A 338 -0.24 17.49 -28.06
CA GLU A 338 1.08 17.92 -28.50
C GLU A 338 2.23 17.39 -27.64
N SER A 339 1.91 16.91 -26.44
CA SER A 339 2.92 16.36 -25.54
C SER A 339 2.62 14.92 -25.12
N CYS A 340 1.92 14.18 -25.97
CA CYS A 340 1.55 12.78 -25.72
C CYS A 340 0.91 12.70 -24.32
N SER A 341 -0.17 13.46 -24.15
CA SER A 341 -0.89 13.59 -22.87
C SER A 341 0.01 14.18 -21.76
N GLY A 342 -0.07 13.62 -20.56
CA GLY A 342 0.58 14.19 -19.36
C GLY A 342 2.02 14.65 -19.49
N ILE A 343 2.28 15.88 -19.05
CA ILE A 343 3.63 16.46 -19.06
C ILE A 343 4.05 16.98 -17.68
N THR A 344 3.08 17.39 -16.87
CA THR A 344 3.32 17.71 -15.46
C THR A 344 2.40 16.87 -14.59
N TRP A 345 2.87 16.50 -13.40
CA TRP A 345 2.10 15.68 -12.48
C TRP A 345 2.19 16.23 -11.09
N SER A 346 1.04 16.33 -10.43
CA SER A 346 0.99 16.76 -9.03
C SER A 346 1.57 15.67 -8.14
N ALA A 347 2.15 16.08 -7.02
CA ALA A 347 2.64 15.14 -6.00
C ALA A 347 1.47 14.54 -5.21
N GLY A 348 0.31 15.16 -5.33
CA GLY A 348 -0.88 14.72 -4.62
C GLY A 348 -1.50 15.86 -3.82
N LEU A 349 -2.80 15.77 -3.59
CA LEU A 349 -3.51 16.80 -2.83
C LEU A 349 -3.73 16.42 -1.37
N SER A 350 -3.44 17.37 -0.48
CA SER A 350 -3.51 17.13 0.95
C SER A 350 -4.69 17.85 1.63
N LYS A 351 -5.61 18.37 0.82
CA LYS A 351 -6.82 19.08 1.29
C LYS A 351 -6.53 20.38 2.06
N ASN A 352 -5.25 20.72 2.17
CA ASN A 352 -4.80 21.88 2.94
C ASN A 352 -4.48 23.01 1.96
N GLU A 353 -4.24 22.64 0.70
CA GLU A 353 -4.10 23.61 -0.39
C GLU A 353 -5.49 23.95 -0.94
N LEU A 354 -6.47 23.11 -0.61
CA LEU A 354 -7.85 23.30 -1.03
C LEU A 354 -8.63 24.04 0.06
N THR A 355 -8.83 25.33 -0.13
CA THR A 355 -9.45 26.18 0.84
C THR A 355 -10.18 27.24 0.02
N GLU A 356 -10.69 28.32 0.61
CA GLU A 356 -11.17 29.36 -0.29
C GLU A 356 -9.83 29.89 -0.70
N GLU A 357 -9.19 29.03 -1.49
CA GLU A 357 -7.76 28.92 -1.72
C GLU A 357 -7.38 28.97 -3.19
N ASN A 358 -6.31 29.70 -3.47
CA ASN A 358 -5.97 30.10 -4.79
C ASN A 358 -7.13 30.84 -5.46
N SER A 359 -7.68 30.36 -6.55
CA SER A 359 -8.63 29.32 -6.71
C SER A 359 -8.08 28.39 -7.74
N PHE A 360 -6.77 28.22 -7.74
CA PHE A 360 -6.12 27.42 -8.73
C PHE A 360 -5.44 26.21 -8.10
N VAL A 361 -5.67 25.06 -8.69
CA VAL A 361 -5.06 23.84 -8.30
C VAL A 361 -3.69 23.68 -8.91
N SER A 362 -2.75 23.14 -8.16
CA SER A 362 -1.44 22.84 -8.71
C SER A 362 -1.50 21.64 -9.60
N LEU A 363 -0.89 21.75 -10.75
CA LEU A 363 -0.78 20.65 -11.70
C LEU A 363 0.63 20.06 -11.69
N GLY A 364 1.40 20.44 -10.67
CA GLY A 364 2.69 19.81 -10.39
C GLY A 364 3.85 20.23 -11.25
N LYS A 365 4.91 19.42 -11.20
CA LYS A 365 6.16 19.71 -11.91
C LYS A 365 6.28 18.84 -13.16
N PRO A 366 7.06 19.30 -14.16
CA PRO A 366 7.21 18.54 -15.41
C PRO A 366 8.03 17.27 -15.25
N ILE A 367 7.78 16.30 -16.12
CA ILE A 367 8.51 15.04 -16.16
C ILE A 367 9.99 15.26 -16.48
N PRO A 368 10.86 14.30 -16.09
CA PRO A 368 12.24 14.30 -16.58
C PRO A 368 12.28 14.39 -18.10
N GLY A 369 13.15 15.26 -18.62
CA GLY A 369 13.26 15.49 -20.05
C GLY A 369 12.50 16.71 -20.53
N ALA A 370 11.58 17.20 -19.69
CA ALA A 370 10.70 18.31 -20.07
C ALA A 370 11.02 19.60 -19.32
N THR A 371 10.83 20.72 -20.02
CA THR A 371 10.96 22.04 -19.43
C THR A 371 9.74 22.90 -19.77
N ILE A 372 9.22 23.61 -18.77
CA ILE A 372 8.09 24.51 -18.97
C ILE A 372 8.41 25.92 -18.50
N ARG A 373 7.76 26.92 -19.12
CA ARG A 373 7.95 28.33 -18.74
C ARG A 373 6.70 29.19 -18.97
N ILE A 374 6.65 30.31 -18.25
CA ILE A 374 5.56 31.28 -18.37
C ILE A 374 6.15 32.61 -18.85
N VAL A 375 5.74 33.03 -20.05
CA VAL A 375 6.28 34.24 -20.68
C VAL A 375 5.23 35.32 -20.92
N ASP A 376 5.71 36.54 -21.17
CA ASP A 376 4.85 37.66 -21.58
C ASP A 376 4.68 37.66 -23.10
N GLN A 377 4.06 38.72 -23.62
CA GLN A 377 3.82 38.88 -25.05
C GLN A 377 5.12 38.97 -25.86
N GLU A 378 6.20 39.36 -25.18
CA GLU A 378 7.51 39.59 -25.81
C GLU A 378 8.37 38.33 -25.85
N ASN A 379 7.83 37.21 -25.34
CA ASN A 379 8.58 35.96 -25.16
C ASN A 379 9.71 36.06 -24.13
N ASN A 380 9.49 36.89 -23.12
CA ASN A 380 10.42 37.00 -21.99
C ASN A 380 9.83 36.35 -20.75
N PRO A 381 10.60 35.46 -20.09
CA PRO A 381 10.14 34.78 -18.88
C PRO A 381 9.69 35.77 -17.80
N LEU A 382 8.52 35.51 -17.23
CA LEU A 382 7.94 36.36 -16.20
C LEU A 382 8.32 35.88 -14.81
N PRO A 383 8.31 36.79 -13.80
CA PRO A 383 8.51 36.36 -12.43
C PRO A 383 7.40 35.43 -11.95
N GLU A 384 7.72 34.57 -10.98
CA GLU A 384 6.77 33.59 -10.45
C GLU A 384 5.54 34.25 -9.85
N ARG A 385 4.41 33.55 -9.92
CA ARG A 385 3.13 33.98 -9.32
C ARG A 385 2.29 34.95 -10.17
N GLU A 386 2.78 35.32 -11.35
CA GLU A 386 1.97 36.16 -12.26
C GLU A 386 1.66 35.49 -13.60
N ILE A 387 0.47 35.78 -14.12
CA ILE A 387 -0.09 35.11 -15.29
C ILE A 387 0.65 35.43 -16.59
N GLY A 388 0.83 34.41 -17.42
CA GLY A 388 1.43 34.54 -18.75
C GLY A 388 1.15 33.33 -19.62
N ARG A 389 1.75 33.32 -20.81
CA ARG A 389 1.54 32.23 -21.77
C ARG A 389 2.46 31.05 -21.47
N LEU A 390 1.88 29.85 -21.41
CA LEU A 390 2.63 28.63 -21.13
C LEU A 390 3.35 28.12 -22.38
N GLN A 391 4.65 27.90 -22.24
CA GLN A 391 5.46 27.33 -23.32
C GLN A 391 6.22 26.10 -22.83
N ILE A 392 6.26 25.07 -23.67
CA ILE A 392 6.81 23.77 -23.28
C ILE A 392 7.85 23.25 -24.28
N GLN A 393 8.78 22.43 -23.79
CA GLN A 393 9.78 21.79 -24.64
C GLN A 393 10.24 20.44 -24.06
N GLY A 394 10.91 19.64 -24.88
CA GLY A 394 11.40 18.34 -24.47
C GLY A 394 11.11 17.26 -25.51
N ASN A 395 11.73 16.10 -25.33
CA ASN A 395 11.58 14.98 -26.25
C ASN A 395 10.15 14.44 -26.38
N SER A 396 9.33 14.66 -25.36
CA SER A 396 7.94 14.20 -25.38
C SER A 396 7.02 15.14 -26.17
N VAL A 397 7.50 16.35 -26.46
CA VAL A 397 6.73 17.37 -27.16
C VAL A 397 6.88 17.25 -28.68
N THR A 398 5.76 17.35 -29.40
CA THR A 398 5.73 17.29 -30.86
C THR A 398 6.67 18.31 -31.51
N LYS A 399 7.16 17.97 -32.70
CA LYS A 399 8.07 18.84 -33.44
C LYS A 399 7.35 19.72 -34.46
N GLY A 400 6.14 19.33 -34.85
CA GLY A 400 5.35 20.08 -35.83
C GLY A 400 4.05 19.44 -36.26
N TYR A 401 3.15 20.26 -36.80
CA TYR A 401 1.87 19.79 -37.33
C TYR A 401 2.01 19.31 -38.76
N TYR A 402 1.05 18.48 -39.19
CA TYR A 402 1.06 17.92 -40.54
C TYR A 402 0.65 18.95 -41.59
N ASN A 403 1.50 19.13 -42.59
CA ASN A 403 1.26 20.02 -43.74
C ASN A 403 0.69 21.39 -43.38
N ASN A 404 1.37 22.07 -42.46
CA ASN A 404 0.90 23.37 -41.96
C ASN A 404 2.06 24.25 -41.50
N ASN A 405 2.85 24.74 -42.46
CA ASN A 405 4.02 25.58 -42.19
C ASN A 405 3.65 26.91 -41.52
N GLU A 406 2.52 27.48 -41.92
CA GLU A 406 2.00 28.72 -41.38
C GLU A 406 1.79 28.62 -39.87
N LEU A 407 1.21 27.49 -39.43
CA LEU A 407 0.98 27.24 -38.02
C LEU A 407 2.27 26.92 -37.28
N ASN A 408 3.14 26.12 -37.91
CA ASN A 408 4.43 25.75 -37.33
C ASN A 408 5.32 26.95 -37.03
N GLN A 409 5.36 27.91 -37.96
CA GLN A 409 6.16 29.13 -37.78
C GLN A 409 5.60 30.04 -36.68
N GLU A 410 4.29 29.95 -36.43
CA GLU A 410 3.63 30.75 -35.41
C GLU A 410 3.86 30.21 -34.00
N VAL A 411 3.58 28.91 -33.78
CA VAL A 411 3.59 28.34 -32.43
C VAL A 411 4.89 27.65 -32.01
N PHE A 412 5.76 27.35 -32.98
CA PHE A 412 7.10 26.83 -32.68
C PHE A 412 8.17 27.90 -32.90
N GLN A 413 8.78 28.35 -31.81
CA GLN A 413 9.85 29.35 -31.87
C GLN A 413 10.95 29.07 -30.85
N GLU A 414 12.20 29.18 -31.29
CA GLU A 414 13.39 29.05 -30.44
C GLU A 414 13.48 27.71 -29.69
N GLY A 415 12.83 26.69 -30.23
CA GLY A 415 12.79 25.36 -29.59
C GLY A 415 11.67 25.22 -28.58
N TRP A 416 10.78 26.21 -28.52
CA TRP A 416 9.63 26.18 -27.62
C TRP A 416 8.33 26.09 -28.36
N PHE A 417 7.34 25.45 -27.75
CA PHE A 417 6.00 25.37 -28.32
C PHE A 417 5.00 26.12 -27.45
N THR A 418 4.29 27.06 -28.06
CA THR A 418 3.25 27.82 -27.37
C THR A 418 1.98 26.98 -27.32
N THR A 419 1.54 26.68 -26.10
CA THR A 419 0.40 25.80 -25.87
C THR A 419 -0.95 26.48 -26.13
N GLY A 420 -0.96 27.81 -26.03
CA GLY A 420 -2.20 28.59 -26.09
C GLY A 420 -2.92 28.63 -24.75
N ASP A 421 -2.22 28.17 -23.71
CA ASP A 421 -2.76 28.17 -22.35
C ASP A 421 -2.15 29.27 -21.49
N LEU A 422 -2.94 29.73 -20.51
CA LEU A 422 -2.51 30.78 -19.59
C LEU A 422 -2.36 30.24 -18.18
N GLY A 423 -1.34 30.74 -17.47
CA GLY A 423 -1.11 30.36 -16.08
C GLY A 423 0.14 30.95 -15.48
N TYR A 424 0.57 30.38 -14.35
CA TYR A 424 1.77 30.85 -13.65
C TYR A 424 2.52 29.69 -13.01
N LEU A 425 3.77 29.94 -12.67
CA LEU A 425 4.59 28.98 -11.94
C LEU A 425 4.82 29.46 -10.51
N SER A 426 4.80 28.52 -9.58
CA SER A 426 5.02 28.81 -8.17
C SER A 426 5.80 27.67 -7.53
N LYS A 427 7.07 27.94 -7.22
CA LYS A 427 7.99 26.95 -6.64
C LYS A 427 8.16 25.73 -7.55
N GLY A 428 8.14 25.97 -8.86
CA GLY A 428 8.31 24.91 -9.85
C GLY A 428 7.03 24.19 -10.29
N GLU A 429 5.93 24.47 -9.61
CA GLU A 429 4.65 23.83 -9.91
C GLU A 429 3.81 24.65 -10.90
N LEU A 430 3.18 23.96 -11.85
CA LEU A 430 2.35 24.62 -12.84
C LEU A 430 0.92 24.85 -12.35
N PHE A 431 0.43 26.07 -12.53
CA PHE A 431 -0.95 26.44 -12.23
C PHE A 431 -1.58 27.03 -13.49
N ILE A 432 -2.50 26.28 -14.11
CA ILE A 432 -3.25 26.79 -15.26
C ILE A 432 -4.41 27.66 -14.77
N THR A 433 -4.55 28.84 -15.37
CA THR A 433 -5.57 29.80 -14.95
C THR A 433 -6.68 29.96 -16.00
N GLY A 434 -6.31 29.84 -17.27
CA GLY A 434 -7.27 29.91 -18.36
C GLY A 434 -6.66 29.58 -19.70
N ARG A 435 -7.43 29.82 -20.76
CA ARG A 435 -6.96 29.64 -22.13
C ARG A 435 -7.05 30.96 -22.90
N GLU A 436 -6.08 31.19 -23.80
CA GLU A 436 -6.03 32.39 -24.62
C GLU A 436 -7.32 32.64 -25.40
N LYS A 437 -7.69 33.91 -25.51
CA LYS A 437 -8.88 34.37 -26.23
C LYS A 437 -10.18 33.73 -25.74
N GLN A 438 -10.20 33.38 -24.45
CA GLN A 438 -11.38 32.84 -23.77
C GLN A 438 -11.52 33.43 -22.38
N GLU A 439 -10.81 34.54 -22.15
CA GLU A 439 -10.86 35.25 -20.87
C GLU A 439 -12.19 35.95 -20.67
N ILE A 440 -12.64 35.99 -19.42
CA ILE A 440 -13.86 36.71 -19.06
C ILE A 440 -13.46 37.94 -18.25
N ILE A 441 -13.29 39.06 -18.95
CA ILE A 441 -12.90 40.32 -18.32
C ILE A 441 -14.05 41.32 -18.40
N ILE A 442 -14.52 41.77 -17.22
CA ILE A 442 -15.62 42.72 -17.12
C ILE A 442 -15.21 43.86 -16.19
N ASN A 443 -15.12 45.06 -16.75
CA ASN A 443 -14.61 46.25 -16.06
C ASN A 443 -13.17 46.11 -15.56
N GLY A 444 -12.34 45.44 -16.37
CA GLY A 444 -10.94 45.21 -16.02
C GLY A 444 -10.72 44.11 -15.00
N VAL A 445 -11.81 43.57 -14.46
CA VAL A 445 -11.77 42.51 -13.45
C VAL A 445 -11.77 41.12 -14.10
N ASN A 446 -10.77 40.31 -13.78
CA ASN A 446 -10.68 38.94 -14.28
C ASN A 446 -11.68 37.99 -13.63
N TYR A 447 -12.44 37.29 -14.46
CA TYR A 447 -13.31 36.22 -13.99
C TYR A 447 -12.91 34.90 -14.66
N PHE A 448 -13.21 33.78 -14.00
CA PHE A 448 -12.75 32.48 -14.46
C PHE A 448 -13.90 31.52 -14.69
N ALA A 449 -13.98 31.01 -15.92
CA ALA A 449 -15.11 30.22 -16.40
C ALA A 449 -15.46 29.00 -15.53
N HIS A 450 -14.43 28.28 -15.08
CA HIS A 450 -14.63 27.06 -14.30
C HIS A 450 -15.33 27.30 -12.98
N GLU A 451 -14.97 28.39 -12.30
CA GLU A 451 -15.64 28.79 -11.06
C GLU A 451 -17.12 29.06 -11.31
N LEU A 452 -17.40 29.87 -12.33
CA LEU A 452 -18.77 30.18 -12.73
C LEU A 452 -19.54 28.91 -13.03
N GLU A 453 -18.96 28.06 -13.88
CA GLU A 453 -19.56 26.78 -14.26
C GLU A 453 -19.81 25.87 -13.07
N THR A 454 -18.84 25.76 -12.16
CA THR A 454 -18.99 24.96 -10.95
C THR A 454 -20.14 25.49 -10.11
N THR A 455 -20.17 26.81 -9.93
CA THR A 455 -21.23 27.48 -9.16
C THR A 455 -22.61 27.22 -9.75
N ILE A 456 -22.71 27.31 -11.08
CA ILE A 456 -23.94 27.00 -11.80
C ILE A 456 -24.35 25.55 -11.58
N GLU A 457 -23.38 24.64 -11.65
CA GLU A 457 -23.65 23.20 -11.58
C GLU A 457 -24.04 22.69 -10.19
N GLU A 458 -23.89 23.54 -9.18
CA GLU A 458 -24.38 23.24 -7.84
C GLU A 458 -25.92 23.24 -7.79
N LEU A 459 -26.53 24.02 -8.67
CA LEU A 459 -27.98 24.22 -8.66
C LEU A 459 -28.77 23.01 -9.14
N GLU A 460 -29.88 22.74 -8.46
CA GLU A 460 -30.84 21.74 -8.86
C GLU A 460 -31.44 22.11 -10.23
N GLY A 461 -31.47 21.14 -11.14
CA GLY A 461 -32.02 21.34 -12.47
C GLY A 461 -30.98 21.59 -13.56
N VAL A 462 -29.73 21.75 -13.14
CA VAL A 462 -28.62 21.94 -14.08
C VAL A 462 -27.83 20.64 -14.21
N LYS A 463 -27.83 20.06 -15.41
CA LYS A 463 -27.15 18.79 -15.65
C LYS A 463 -25.64 18.99 -15.75
N VAL A 464 -24.91 18.29 -14.90
CA VAL A 464 -23.47 18.41 -14.83
C VAL A 464 -22.76 17.94 -16.10
N SER A 465 -21.77 18.71 -16.51
CA SER A 465 -20.95 18.49 -17.67
C SER A 465 -21.45 19.04 -19.00
N TYR A 466 -22.53 19.81 -18.97
CA TYR A 466 -23.07 20.47 -20.14
C TYR A 466 -23.10 21.98 -20.03
N THR A 467 -22.30 22.54 -19.15
CA THR A 467 -22.39 23.94 -18.82
C THR A 467 -21.19 24.70 -19.33
N ALA A 468 -21.39 25.93 -19.76
CA ALA A 468 -20.30 26.78 -20.25
C ALA A 468 -20.53 28.24 -19.89
N ALA A 469 -19.43 28.95 -19.61
CA ALA A 469 -19.46 30.37 -19.35
C ALA A 469 -18.41 31.08 -20.19
N PHE A 470 -18.85 32.06 -20.98
CA PHE A 470 -17.94 32.83 -21.84
C PHE A 470 -18.43 34.26 -22.01
N ALA A 471 -17.52 35.14 -22.43
CA ALA A 471 -17.81 36.56 -22.60
C ALA A 471 -17.70 37.03 -24.04
N VAL A 472 -18.73 37.72 -24.52
CA VAL A 472 -18.68 38.39 -25.83
C VAL A 472 -18.76 39.91 -25.66
N PHE A 473 -18.22 40.63 -26.63
CA PHE A 473 -18.31 42.09 -26.63
C PHE A 473 -19.51 42.55 -27.45
N ASP A 474 -20.42 43.28 -26.80
CA ASP A 474 -21.60 43.82 -27.48
C ASP A 474 -21.26 45.17 -28.11
N GLN A 475 -21.33 45.23 -29.44
CA GLN A 475 -20.96 46.42 -30.19
C GLN A 475 -21.97 47.57 -30.02
N SER A 476 -23.25 47.22 -30.04
CA SER A 476 -24.34 48.19 -29.92
C SER A 476 -24.26 49.02 -28.63
N ARG A 477 -24.02 48.34 -27.51
CA ARG A 477 -24.00 48.98 -26.20
C ARG A 477 -22.57 49.20 -25.66
N GLU A 478 -21.58 48.83 -26.47
CA GLU A 478 -20.15 49.03 -26.16
C GLU A 478 -19.72 48.44 -24.80
N THR A 479 -20.23 47.25 -24.49
CA THR A 479 -19.93 46.60 -23.21
C THR A 479 -19.82 45.07 -23.32
N ASP A 480 -19.14 44.46 -22.35
CA ASP A 480 -18.94 43.02 -22.31
C ASP A 480 -20.08 42.27 -21.63
N LEU A 481 -20.57 41.22 -22.28
CA LEU A 481 -21.66 40.41 -21.75
C LEU A 481 -21.16 39.03 -21.33
N LEU A 482 -21.66 38.55 -20.19
CA LEU A 482 -21.41 37.18 -19.76
C LEU A 482 -22.55 36.30 -20.26
N ILE A 483 -22.19 35.24 -20.99
CA ILE A 483 -23.18 34.31 -21.51
C ILE A 483 -22.99 32.94 -20.87
N ILE A 484 -24.11 32.36 -20.43
CA ILE A 484 -24.11 31.05 -19.80
C ILE A 484 -25.01 30.10 -20.56
N THR A 485 -24.45 28.98 -21.01
CA THR A 485 -25.20 27.93 -21.65
C THR A 485 -25.17 26.69 -20.77
N PHE A 486 -26.27 25.95 -20.77
CA PHE A 486 -26.41 24.77 -19.93
C PHE A 486 -27.42 23.80 -20.53
N SER A 487 -27.49 22.60 -19.96
CA SER A 487 -28.52 21.64 -20.32
C SER A 487 -29.35 21.30 -19.08
N PRO A 488 -30.69 21.27 -19.21
CA PRO A 488 -31.56 21.03 -18.07
C PRO A 488 -31.54 19.56 -17.62
N GLU A 489 -31.59 19.35 -16.31
CA GLU A 489 -31.65 18.01 -15.73
C GLU A 489 -33.11 17.53 -15.66
N SER A 490 -34.02 18.37 -16.14
CA SER A 490 -35.46 18.07 -16.14
C SER A 490 -35.79 16.87 -17.03
N GLU A 491 -37.00 16.34 -16.86
CA GLU A 491 -37.46 15.19 -17.63
C GLU A 491 -38.79 15.47 -18.35
N GLN A 492 -38.76 16.25 -19.44
CA GLN A 492 -37.56 16.91 -19.96
C GLN A 492 -37.83 18.40 -20.23
N PHE A 493 -36.96 19.03 -21.03
CA PHE A 493 -37.15 20.42 -21.44
C PHE A 493 -38.35 20.55 -22.39
N GLU A 494 -39.01 21.71 -22.45
CA GLU A 494 -38.60 22.93 -21.73
C GLU A 494 -39.33 23.14 -20.41
N GLN A 495 -39.00 22.30 -19.43
CA GLN A 495 -39.39 22.53 -18.05
C GLN A 495 -38.28 23.34 -17.36
N GLY A 496 -37.14 23.42 -18.04
CA GLY A 496 -35.97 24.15 -17.56
C GLY A 496 -36.02 25.64 -17.86
N ILE A 497 -37.16 26.25 -17.56
CA ILE A 497 -37.31 27.71 -17.67
C ILE A 497 -37.16 28.31 -16.28
N LYS A 498 -37.61 27.57 -15.27
CA LYS A 498 -37.53 28.00 -13.87
C LYS A 498 -36.07 28.11 -13.43
N VAL A 499 -35.22 27.26 -14.00
CA VAL A 499 -33.80 27.23 -13.64
C VAL A 499 -33.00 28.39 -14.24
N VAL A 500 -33.48 28.94 -15.37
CA VAL A 500 -32.86 30.11 -15.99
C VAL A 500 -32.78 31.26 -14.99
N ARG A 501 -33.92 31.58 -14.37
CA ARG A 501 -34.00 32.60 -13.34
C ARG A 501 -33.12 32.24 -12.15
N LYS A 502 -33.16 30.96 -11.77
CA LYS A 502 -32.38 30.44 -10.65
C LYS A 502 -30.88 30.53 -10.89
N ILE A 503 -30.46 30.41 -12.14
CA ILE A 503 -29.05 30.52 -12.53
C ILE A 503 -28.56 31.97 -12.41
N ARG A 504 -29.32 32.91 -12.98
CA ARG A 504 -28.94 34.32 -12.96
C ARG A 504 -28.73 34.87 -11.54
N SER A 505 -29.68 34.59 -10.65
CA SER A 505 -29.60 35.08 -9.27
C SER A 505 -28.44 34.45 -8.50
N HIS A 506 -28.28 33.14 -8.61
CA HIS A 506 -27.20 32.41 -7.93
C HIS A 506 -25.83 32.90 -8.34
N VAL A 507 -25.68 33.24 -9.62
CA VAL A 507 -24.42 33.79 -10.14
C VAL A 507 -24.15 35.20 -9.61
N THR A 508 -25.20 36.03 -9.52
CA THR A 508 -25.07 37.41 -9.02
C THR A 508 -24.71 37.41 -7.53
N GLN A 509 -25.40 36.57 -6.76
CA GLN A 509 -25.19 36.46 -5.32
C GLN A 509 -23.76 36.11 -4.94
N LYS A 510 -23.11 35.28 -5.76
CA LYS A 510 -21.76 34.78 -5.46
C LYS A 510 -20.64 35.60 -6.09
N PHE A 511 -20.90 36.16 -7.27
CA PHE A 511 -19.86 36.85 -8.04
C PHE A 511 -20.01 38.37 -8.15
N GLY A 512 -21.23 38.87 -7.98
CA GLY A 512 -21.49 40.30 -8.08
C GLY A 512 -21.78 40.78 -9.50
N ILE A 513 -21.62 39.87 -10.46
CA ILE A 513 -21.99 40.14 -11.85
C ILE A 513 -23.04 39.14 -12.32
N ALA A 514 -23.76 39.50 -13.37
CA ALA A 514 -24.87 38.68 -13.84
C ALA A 514 -24.68 38.22 -15.29
N PRO A 515 -25.21 37.03 -15.63
CA PRO A 515 -25.25 36.63 -17.03
C PRO A 515 -26.28 37.44 -17.80
N ALA A 516 -25.88 37.98 -18.95
CA ALA A 516 -26.80 38.70 -19.83
C ALA A 516 -27.81 37.73 -20.43
N TYR A 517 -27.33 36.57 -20.87
CA TYR A 517 -28.19 35.53 -21.43
C TYR A 517 -27.90 34.16 -20.81
N VAL A 518 -28.97 33.41 -20.54
CA VAL A 518 -28.87 32.04 -20.05
C VAL A 518 -29.68 31.13 -20.96
N ILE A 519 -28.98 30.32 -21.75
CA ILE A 519 -29.62 29.52 -22.79
C ILE A 519 -29.61 28.02 -22.49
N PRO A 520 -30.80 27.43 -22.30
CA PRO A 520 -30.94 25.97 -22.18
C PRO A 520 -30.64 25.29 -23.51
N LEU A 521 -30.05 24.11 -23.44
CA LEU A 521 -29.70 23.36 -24.64
C LEU A 521 -29.97 21.87 -24.51
N GLU A 522 -30.41 21.28 -25.62
CA GLU A 522 -30.54 19.83 -25.73
C GLU A 522 -29.15 19.20 -25.65
N ARG A 523 -29.04 18.13 -24.87
CA ARG A 523 -27.77 17.47 -24.58
C ARG A 523 -26.96 17.15 -25.83
N ASN A 524 -27.65 16.74 -26.89
CA ASN A 524 -27.03 16.34 -28.16
C ASN A 524 -26.42 17.49 -28.96
N LEU A 525 -26.73 18.73 -28.58
CA LEU A 525 -26.26 19.90 -29.31
C LEU A 525 -25.14 20.68 -28.61
N VAL A 526 -24.81 20.29 -27.38
CA VAL A 526 -23.68 20.88 -26.66
C VAL A 526 -22.38 20.29 -27.23
N PRO A 527 -21.56 21.12 -27.90
CA PRO A 527 -20.35 20.62 -28.55
C PRO A 527 -19.29 20.20 -27.54
N LYS A 528 -18.80 18.98 -27.69
CA LYS A 528 -17.83 18.38 -26.79
C LYS A 528 -16.74 17.65 -27.56
N THR A 529 -15.51 17.73 -27.07
CA THR A 529 -14.43 16.89 -27.56
C THR A 529 -14.74 15.46 -27.14
N SER A 530 -14.03 14.49 -27.72
CA SER A 530 -14.24 13.07 -27.43
C SER A 530 -14.27 12.79 -25.93
N ILE A 531 -13.44 13.51 -25.17
CA ILE A 531 -13.31 13.29 -23.73
C ILE A 531 -14.35 14.03 -22.86
N GLY A 532 -15.24 14.78 -23.50
CA GLY A 532 -16.35 15.43 -22.80
C GLY A 532 -16.09 16.84 -22.33
N LYS A 533 -15.02 17.46 -22.83
CA LYS A 533 -14.72 18.85 -22.54
C LYS A 533 -15.53 19.75 -23.48
N VAL A 534 -16.39 20.59 -22.89
CA VAL A 534 -17.20 21.54 -23.64
C VAL A 534 -16.29 22.53 -24.37
N GLN A 535 -16.40 22.54 -25.70
CA GLN A 535 -15.63 23.50 -26.51
C GLN A 535 -16.39 24.82 -26.65
N LYS A 536 -15.92 25.81 -25.89
CA LYS A 536 -16.60 27.09 -25.72
C LYS A 536 -16.54 27.97 -26.96
N SER A 537 -15.54 27.74 -27.81
CA SER A 537 -15.39 28.48 -29.07
C SER A 537 -16.57 28.23 -30.01
N LYS A 538 -16.97 26.97 -30.15
CA LYS A 538 -18.11 26.59 -30.98
C LYS A 538 -19.44 27.16 -30.45
N LEU A 539 -19.56 27.24 -29.13
CA LEU A 539 -20.75 27.80 -28.50
C LEU A 539 -20.79 29.32 -28.63
N LYS A 540 -19.64 29.96 -28.55
CA LYS A 540 -19.53 31.41 -28.75
C LYS A 540 -19.97 31.79 -30.16
N LYS A 541 -19.49 31.04 -31.16
CA LYS A 541 -19.88 31.24 -32.54
C LYS A 541 -21.38 31.04 -32.74
N ASP A 542 -21.89 29.91 -32.24
CA ASP A 542 -23.33 29.60 -32.31
C ASP A 542 -24.20 30.76 -31.82
N PHE A 543 -23.81 31.35 -30.68
CA PHE A 543 -24.50 32.50 -30.11
C PHE A 543 -24.45 33.73 -31.02
N GLU A 544 -23.29 33.96 -31.64
CA GLU A 544 -23.08 35.13 -32.48
C GLU A 544 -23.69 35.02 -33.88
N GLN A 545 -24.37 33.90 -34.17
CA GLN A 545 -24.97 33.68 -35.48
C GLN A 545 -26.28 34.46 -35.72
N GLY A 546 -27.30 34.30 -34.86
CA GLY A 546 -27.26 33.48 -33.66
C GLY A 546 -28.24 32.33 -33.70
N LEU A 547 -27.72 31.15 -33.36
CA LEU A 547 -28.50 29.92 -33.35
C LEU A 547 -29.57 29.90 -32.25
N PHE A 548 -29.34 30.67 -31.19
CA PHE A 548 -30.22 30.66 -30.02
C PHE A 548 -31.21 31.84 -29.96
N SER A 549 -31.09 32.76 -30.91
CA SER A 549 -31.92 33.98 -30.94
C SER A 549 -33.42 33.70 -30.75
N SER A 550 -33.90 32.62 -31.35
CA SER A 550 -35.29 32.19 -31.23
C SER A 550 -35.63 31.78 -29.81
N ARG A 551 -34.78 30.93 -29.23
CA ARG A 551 -34.95 30.45 -27.85
C ARG A 551 -34.83 31.61 -26.86
N ILE A 552 -33.86 32.50 -27.09
CA ILE A 552 -33.66 33.71 -26.28
C ILE A 552 -34.94 34.54 -26.21
N GLN A 553 -35.51 34.83 -27.38
CA GLN A 553 -36.76 35.59 -27.48
C GLN A 553 -37.90 34.86 -26.78
N GLU A 554 -38.00 33.54 -27.03
CA GLU A 554 -39.03 32.69 -26.44
C GLU A 554 -38.98 32.69 -24.91
N ILE A 555 -37.78 32.64 -24.35
CA ILE A 555 -37.58 32.70 -22.90
C ILE A 555 -37.94 34.10 -22.39
N ASP A 556 -37.48 35.12 -23.10
CA ASP A 556 -37.77 36.51 -22.76
C ASP A 556 -39.27 36.80 -22.82
N GLN A 557 -39.97 36.15 -23.77
CA GLN A 557 -41.42 36.24 -23.88
C GLN A 557 -42.11 35.51 -22.73
N TYR A 558 -41.48 34.44 -22.25
CA TYR A 558 -42.01 33.69 -21.11
C TYR A 558 -41.82 34.47 -19.80
N LEU A 559 -40.66 35.11 -19.65
CA LEU A 559 -40.48 36.12 -18.63
C LEU A 559 -41.40 37.30 -19.01
N ALA A 560 -41.59 38.24 -18.09
CA ALA A 560 -42.49 39.38 -18.30
C ALA A 560 -43.97 38.96 -18.29
N LYS A 561 -44.25 37.76 -17.79
CA LYS A 561 -45.63 37.27 -17.65
C LYS A 561 -45.95 36.95 -16.19
N SER B 5 -12.16 5.11 34.96
CA SER B 5 -11.15 6.14 35.04
C SER B 5 -10.12 5.90 33.97
N ILE B 6 -10.02 4.67 33.51
CA ILE B 6 -9.06 4.29 32.48
C ILE B 6 -9.48 2.96 31.79
N SER B 7 -10.45 3.06 30.89
CA SER B 7 -11.02 1.94 30.19
C SER B 7 -11.36 2.42 28.82
N LEU B 8 -11.45 1.53 27.83
CA LEU B 8 -12.00 1.87 26.53
C LEU B 8 -12.85 0.78 25.88
N GLY B 9 -13.82 1.17 25.04
CA GLY B 9 -14.92 0.31 24.54
C GLY B 9 -15.17 -0.04 23.07
N GLY B 10 -16.45 -0.14 22.60
CA GLY B 10 -16.74 -0.45 21.19
C GLY B 10 -17.86 -1.45 21.08
N GLN B 11 -18.90 -1.13 20.31
CA GLN B 11 -20.06 -2.02 20.16
C GLN B 11 -20.10 -2.78 18.84
N LEU B 12 -20.42 -4.06 18.92
CA LEU B 12 -20.44 -4.92 17.76
C LEU B 12 -21.62 -5.83 17.82
N GLU B 13 -22.25 -6.03 16.69
CA GLU B 13 -23.41 -6.89 16.62
C GLU B 13 -23.00 -8.33 16.53
N ASP B 14 -23.65 -9.13 17.32
CA ASP B 14 -23.16 -10.42 17.61
C ASP B 14 -23.58 -11.43 16.56
N ASN B 15 -22.62 -11.92 15.81
CA ASN B 15 -22.81 -13.03 14.90
C ASN B 15 -22.74 -14.29 15.70
N TRP B 16 -23.48 -15.28 15.28
CA TRP B 16 -23.50 -16.58 15.95
C TRP B 16 -23.12 -17.70 15.03
N ARG B 17 -22.09 -17.46 14.23
CA ARG B 17 -21.67 -18.40 13.21
C ARG B 17 -20.66 -19.42 13.75
N THR B 18 -20.56 -20.56 13.07
CA THR B 18 -19.55 -21.57 13.36
C THR B 18 -18.48 -21.51 12.27
N LEU B 19 -17.35 -22.16 12.51
CA LEU B 19 -16.25 -22.17 11.54
C LEU B 19 -16.64 -22.88 10.25
N SER B 20 -17.48 -23.91 10.36
CA SER B 20 -18.05 -24.61 9.20
C SER B 20 -18.73 -23.63 8.23
N GLU B 21 -19.65 -22.84 8.78
CA GLU B 21 -20.43 -21.87 8.00
C GLU B 21 -19.55 -20.84 7.32
N VAL B 22 -18.49 -20.43 8.01
CA VAL B 22 -17.54 -19.44 7.49
C VAL B 22 -16.79 -19.96 6.26
N LEU B 23 -16.33 -21.21 6.33
CA LEU B 23 -15.65 -21.84 5.20
C LEU B 23 -16.63 -22.09 4.05
N GLU B 24 -17.83 -22.56 4.40
CA GLU B 24 -18.89 -22.79 3.42
C GLU B 24 -19.25 -21.51 2.66
N THR B 25 -19.29 -20.39 3.38
CA THR B 25 -19.50 -19.08 2.77
C THR B 25 -18.36 -18.68 1.84
N ALA B 26 -17.13 -19.04 2.20
CA ALA B 26 -15.95 -18.68 1.42
C ALA B 26 -15.83 -19.44 0.10
N THR B 27 -16.47 -20.60 0.01
CA THR B 27 -16.41 -21.46 -1.18
C THR B 27 -17.05 -20.85 -2.42
N LYS B 28 -18.05 -19.99 -2.22
CA LYS B 28 -18.77 -19.36 -3.33
C LYS B 28 -17.90 -18.40 -4.15
N HIS B 29 -16.88 -17.82 -3.51
CA HIS B 29 -15.87 -17.02 -4.19
C HIS B 29 -14.82 -17.94 -4.74
N ASN B 30 -15.12 -18.51 -5.90
CA ASN B 30 -14.33 -19.62 -6.46
C ASN B 30 -12.94 -19.20 -6.96
N ASN B 31 -12.73 -17.89 -7.11
CA ASN B 31 -11.44 -17.37 -7.58
C ASN B 31 -10.45 -17.06 -6.46
N HIS B 32 -10.90 -17.16 -5.22
CA HIS B 32 -10.07 -16.84 -4.07
C HIS B 32 -9.75 -18.07 -3.26
N GLY B 33 -8.63 -18.01 -2.54
CA GLY B 33 -8.19 -19.12 -1.72
C GLY B 33 -6.81 -18.93 -1.12
N ILE B 34 -6.11 -20.04 -0.94
CA ILE B 34 -4.82 -20.05 -0.26
C ILE B 34 -3.69 -20.32 -1.24
N THR B 35 -2.69 -19.44 -1.25
CA THR B 35 -1.46 -19.68 -1.98
C THR B 35 -0.41 -20.19 -0.99
N TYR B 36 0.04 -21.42 -1.21
CA TYR B 36 1.10 -22.00 -0.40
C TYR B 36 2.45 -21.78 -1.09
N ILE B 37 3.35 -21.09 -0.40
CA ILE B 37 4.74 -20.97 -0.85
C ILE B 37 5.50 -22.16 -0.27
N ARG B 38 6.22 -22.88 -1.13
CA ARG B 38 7.05 -24.00 -0.70
C ARG B 38 8.44 -23.49 -0.30
N ASN B 39 9.26 -24.38 0.24
CA ASN B 39 10.62 -24.03 0.67
C ASN B 39 11.52 -23.52 -0.47
N ASP B 40 11.33 -24.07 -1.67
CA ASP B 40 12.09 -23.62 -2.85
C ASP B 40 11.42 -22.44 -3.58
N ALA B 41 10.45 -21.81 -2.92
CA ALA B 41 9.75 -20.61 -3.42
C ALA B 41 8.73 -20.86 -4.54
N THR B 42 8.47 -22.12 -4.88
CA THR B 42 7.38 -22.42 -5.83
C THR B 42 6.03 -22.29 -5.12
N GLU B 43 4.98 -22.10 -5.91
CA GLU B 43 3.66 -21.77 -5.37
C GLU B 43 2.59 -22.76 -5.79
N TYR B 44 1.66 -23.03 -4.88
CA TYR B 44 0.48 -23.82 -5.19
C TYR B 44 -0.78 -23.10 -4.71
N PHE B 45 -1.78 -23.04 -5.57
CA PHE B 45 -3.04 -22.39 -5.24
C PHE B 45 -4.13 -23.43 -4.93
N GLN B 46 -4.83 -23.19 -3.82
CA GLN B 46 -5.96 -24.01 -3.42
C GLN B 46 -7.13 -23.08 -3.12
N SER B 47 -8.16 -23.14 -3.95
CA SER B 47 -9.35 -22.32 -3.75
C SER B 47 -10.04 -22.76 -2.46
N TYR B 48 -10.86 -21.87 -1.90
CA TYR B 48 -11.62 -22.21 -0.68
C TYR B 48 -12.55 -23.41 -0.90
N GLN B 49 -12.98 -23.60 -2.16
CA GLN B 49 -13.78 -24.76 -2.53
C GLN B 49 -12.96 -26.05 -2.45
N ASP B 50 -11.74 -26.01 -3.00
CA ASP B 50 -10.82 -27.14 -2.92
C ASP B 50 -10.41 -27.44 -1.48
N LEU B 51 -10.17 -26.38 -0.71
CA LEU B 51 -9.84 -26.50 0.71
C LEU B 51 -10.95 -27.24 1.46
N TYR B 52 -12.19 -26.79 1.24
CA TYR B 52 -13.36 -27.41 1.85
C TYR B 52 -13.46 -28.89 1.47
N GLN B 53 -13.28 -29.20 0.19
CA GLN B 53 -13.33 -30.59 -0.29
C GLN B 53 -12.21 -31.43 0.32
N ASP B 54 -11.01 -30.85 0.41
CA ASP B 54 -9.86 -31.51 1.01
C ASP B 54 -10.09 -31.79 2.50
N ALA B 55 -10.65 -30.81 3.21
CA ALA B 55 -10.99 -30.96 4.62
C ALA B 55 -11.98 -32.10 4.86
N LEU B 56 -12.98 -32.23 3.97
CA LEU B 56 -13.98 -33.30 4.05
C LEU B 56 -13.34 -34.69 3.93
N VAL B 57 -12.42 -34.82 2.98
CA VAL B 57 -11.68 -36.07 2.76
C VAL B 57 -10.86 -36.45 3.99
N ILE B 58 -10.16 -35.47 4.56
CA ILE B 58 -9.35 -35.68 5.77
C ILE B 58 -10.23 -36.03 6.98
N LEU B 59 -11.37 -35.34 7.11
CA LEU B 59 -12.32 -35.63 8.19
C LEU B 59 -12.85 -37.06 8.09
N ASN B 60 -13.16 -37.50 6.88
CA ASN B 60 -13.52 -38.89 6.61
C ASN B 60 -12.45 -39.84 7.12
N GLY B 61 -11.19 -39.52 6.82
CA GLY B 61 -10.04 -40.28 7.31
C GLY B 61 -9.98 -40.34 8.84
N LEU B 62 -10.19 -39.19 9.47
CA LEU B 62 -10.19 -39.08 10.94
C LEU B 62 -11.27 -39.91 11.61
N GLU B 63 -12.48 -39.87 11.05
CA GLU B 63 -13.62 -40.61 11.58
C GLU B 63 -13.42 -42.12 11.45
N GLN B 64 -12.79 -42.53 10.34
CA GLN B 64 -12.48 -43.94 10.12
C GLN B 64 -11.39 -44.46 11.05
N LYS B 65 -10.52 -43.56 11.50
CA LYS B 65 -9.48 -43.89 12.47
C LYS B 65 -9.99 -43.87 13.91
N GLY B 66 -11.28 -43.58 14.08
CA GLY B 66 -11.94 -43.67 15.38
C GLY B 66 -12.03 -42.37 16.16
N ILE B 67 -11.64 -41.26 15.53
CA ILE B 67 -11.68 -39.95 16.18
C ILE B 67 -13.10 -39.38 16.11
N LYS B 68 -13.68 -39.14 17.27
CA LYS B 68 -15.06 -38.70 17.39
C LYS B 68 -15.16 -37.20 17.71
N LEU B 69 -16.36 -36.64 17.55
CA LEU B 69 -16.63 -35.27 17.90
C LEU B 69 -16.35 -35.03 19.39
N GLY B 70 -15.62 -33.95 19.69
CA GLY B 70 -15.27 -33.62 21.06
C GLY B 70 -13.87 -34.03 21.46
N HIS B 71 -13.30 -35.01 20.77
CA HIS B 71 -11.93 -35.46 21.02
C HIS B 71 -10.91 -34.47 20.55
N LYS B 72 -9.71 -34.57 21.13
CA LYS B 72 -8.59 -33.73 20.75
C LYS B 72 -7.58 -34.51 19.93
N VAL B 73 -6.96 -33.83 18.96
CA VAL B 73 -5.81 -34.38 18.23
C VAL B 73 -4.68 -33.36 18.21
N ILE B 74 -3.45 -33.84 18.35
CA ILE B 74 -2.27 -32.97 18.30
C ILE B 74 -1.79 -32.85 16.85
N LEU B 75 -1.47 -31.62 16.45
CA LEU B 75 -0.94 -31.36 15.11
C LEU B 75 0.56 -31.09 15.17
N GLN B 76 1.31 -31.90 14.42
CA GLN B 76 2.75 -31.74 14.25
C GLN B 76 3.07 -31.78 12.76
N ILE B 77 2.59 -30.77 12.04
CA ILE B 77 2.66 -30.74 10.58
C ILE B 77 3.47 -29.53 10.12
N ALA B 78 4.58 -29.81 9.45
CA ALA B 78 5.47 -28.74 8.97
C ALA B 78 5.04 -28.19 7.61
N LYS B 79 4.47 -29.05 6.77
CA LYS B 79 4.07 -28.65 5.41
C LYS B 79 2.76 -27.86 5.43
N ASN B 80 2.83 -26.63 4.91
CA ASN B 80 1.68 -25.72 4.79
C ASN B 80 0.44 -26.39 4.17
N GLN B 81 0.66 -27.10 3.07
CA GLN B 81 -0.41 -27.72 2.28
C GLN B 81 -1.16 -28.83 3.02
N ASP B 82 -0.58 -29.31 4.12
CA ASP B 82 -1.20 -30.34 4.93
C ASP B 82 -1.84 -29.80 6.20
N PHE B 83 -1.18 -28.81 6.81
CA PHE B 83 -1.63 -28.24 8.08
C PHE B 83 -3.02 -27.62 8.02
N ILE B 84 -3.20 -26.65 7.12
CA ILE B 84 -4.44 -25.89 7.03
C ILE B 84 -5.66 -26.77 6.70
N PRO B 85 -5.54 -27.66 5.68
CA PRO B 85 -6.61 -28.61 5.44
C PRO B 85 -6.92 -29.53 6.62
N ALA B 86 -5.89 -29.97 7.34
CA ALA B 86 -6.07 -30.81 8.53
C ALA B 86 -6.78 -30.05 9.64
N LEU B 87 -6.41 -28.78 9.83
CA LEU B 87 -7.01 -27.92 10.85
C LEU B 87 -8.51 -27.76 10.57
N TRP B 88 -8.85 -27.45 9.32
CA TRP B 88 -10.23 -27.27 8.91
C TRP B 88 -11.04 -28.53 8.99
N ALA B 89 -10.41 -29.65 8.66
CA ALA B 89 -11.03 -30.97 8.81
C ALA B 89 -11.56 -31.15 10.23
N CYS B 90 -10.72 -30.82 11.21
CA CYS B 90 -11.09 -30.88 12.62
C CYS B 90 -12.22 -29.91 12.96
N PHE B 91 -12.13 -28.68 12.43
CA PHE B 91 -13.18 -27.68 12.63
C PHE B 91 -14.53 -28.19 12.13
N LEU B 92 -14.54 -28.73 10.92
CA LEU B 92 -15.77 -29.21 10.28
C LEU B 92 -16.43 -30.36 11.02
N GLY B 93 -15.62 -31.20 11.67
CA GLY B 93 -16.12 -32.38 12.36
C GLY B 93 -16.34 -32.25 13.85
N GLY B 94 -15.99 -31.08 14.40
CA GLY B 94 -16.14 -30.84 15.84
C GLY B 94 -15.01 -31.43 16.65
N ILE B 95 -13.96 -31.87 15.96
CA ILE B 95 -12.77 -32.41 16.60
C ILE B 95 -11.85 -31.23 16.95
N ILE B 96 -11.42 -31.18 18.19
CA ILE B 96 -10.57 -30.08 18.68
C ILE B 96 -9.12 -30.30 18.25
N PRO B 97 -8.61 -29.47 17.32
CA PRO B 97 -7.21 -29.60 16.96
C PRO B 97 -6.33 -28.90 18.01
N VAL B 98 -5.23 -29.55 18.36
CA VAL B 98 -4.25 -28.96 19.28
C VAL B 98 -2.94 -28.77 18.51
N PRO B 99 -2.80 -27.62 17.83
CA PRO B 99 -1.59 -27.34 17.05
C PRO B 99 -0.42 -26.97 17.95
N LEU B 100 0.70 -27.67 17.79
CA LEU B 100 1.91 -27.38 18.55
C LEU B 100 3.07 -27.10 17.61
N THR B 101 4.04 -26.34 18.10
CA THR B 101 5.24 -26.01 17.34
C THR B 101 5.97 -27.28 16.91
N VAL B 102 6.33 -27.34 15.63
CA VAL B 102 7.13 -28.41 15.08
C VAL B 102 8.59 -28.25 15.52
N ALA B 103 9.13 -29.29 16.17
CA ALA B 103 10.50 -29.29 16.66
C ALA B 103 11.52 -29.14 15.51
N PRO B 104 12.64 -28.45 15.78
CA PRO B 104 13.72 -28.36 14.77
C PRO B 104 14.41 -29.70 14.54
N SER B 105 14.24 -30.62 15.50
CA SER B 105 14.79 -31.97 15.42
C SER B 105 14.04 -32.88 16.39
N TYR B 106 13.93 -34.16 16.03
CA TYR B 106 13.25 -35.14 16.88
C TYR B 106 14.19 -36.21 17.45
N ASP B 107 15.48 -36.07 17.16
CA ASP B 107 16.50 -36.95 17.76
C ASP B 107 17.52 -36.17 18.58
N LEU B 108 17.33 -34.87 18.67
CA LEU B 108 18.17 -34.00 19.50
C LEU B 108 17.30 -33.21 20.49
N GLU B 109 17.85 -32.95 21.68
CA GLU B 109 17.15 -32.23 22.74
C GLU B 109 16.68 -30.85 22.31
N ASN B 110 15.46 -30.49 22.71
CA ASN B 110 14.91 -29.13 22.55
C ASN B 110 13.60 -28.97 23.33
N SER B 111 13.16 -27.72 23.53
CA SER B 111 11.95 -27.44 24.30
C SER B 111 10.67 -27.90 23.58
N ALA B 112 10.68 -27.86 22.25
CA ALA B 112 9.53 -28.27 21.45
C ALA B 112 9.17 -29.76 21.61
N VAL B 113 10.20 -30.61 21.67
CA VAL B 113 10.01 -32.04 21.92
C VAL B 113 9.40 -32.26 23.30
N LYS B 114 9.93 -31.54 24.30
CA LYS B 114 9.40 -31.58 25.67
C LYS B 114 7.95 -31.12 25.75
N LYS B 115 7.64 -30.02 25.06
CA LYS B 115 6.28 -29.49 25.01
C LYS B 115 5.31 -30.53 24.44
N LEU B 116 5.69 -31.12 23.30
CA LEU B 116 4.89 -32.16 22.66
C LEU B 116 4.55 -33.29 23.63
N GLU B 117 5.57 -33.78 24.35
CA GLU B 117 5.38 -34.87 25.30
C GLU B 117 4.49 -34.49 26.48
N ASN B 118 4.75 -33.32 27.05
CA ASN B 118 3.96 -32.82 28.18
C ASN B 118 2.49 -32.61 27.84
N VAL B 119 2.23 -31.98 26.70
CA VAL B 119 0.87 -31.75 26.22
C VAL B 119 0.17 -33.07 25.93
N TRP B 120 0.91 -34.01 25.32
CA TRP B 120 0.42 -35.36 25.04
C TRP B 120 -0.02 -36.08 26.30
N LYS B 121 0.71 -35.87 27.39
CA LYS B 121 0.38 -36.45 28.69
C LYS B 121 -0.79 -35.73 29.34
N ILE B 122 -0.83 -34.40 29.21
CA ILE B 122 -1.93 -33.58 29.74
C ILE B 122 -3.27 -33.96 29.09
N LEU B 123 -3.25 -34.27 27.80
CA LEU B 123 -4.46 -34.56 27.03
C LEU B 123 -4.87 -36.03 26.98
N ASP B 124 -4.35 -36.83 27.91
CA ASP B 124 -4.65 -38.27 27.99
C ASP B 124 -4.34 -39.04 26.69
N ASN B 125 -3.15 -38.77 26.15
CA ASN B 125 -2.57 -39.55 25.04
C ASN B 125 -3.37 -39.55 23.72
N PRO B 126 -3.58 -38.35 23.13
CA PRO B 126 -4.34 -38.28 21.89
C PRO B 126 -3.49 -38.62 20.66
N LEU B 127 -4.17 -38.88 19.55
CA LEU B 127 -3.51 -39.14 18.27
C LEU B 127 -2.77 -37.91 17.78
N ILE B 128 -1.63 -38.13 17.12
CA ILE B 128 -0.81 -37.05 16.58
C ILE B 128 -0.85 -37.09 15.06
N LEU B 129 -1.25 -35.97 14.45
CA LEU B 129 -1.22 -35.84 13.00
C LEU B 129 0.09 -35.19 12.57
N SER B 130 0.68 -35.74 11.51
CA SER B 130 1.93 -35.23 10.96
C SER B 130 1.84 -35.21 9.43
N ASP B 131 2.87 -34.67 8.77
CA ASP B 131 2.98 -34.79 7.33
C ASP B 131 3.83 -36.01 6.97
N SER B 132 4.04 -36.24 5.68
CA SER B 132 4.73 -37.44 5.20
C SER B 132 6.23 -37.46 5.56
N GLU B 133 6.84 -36.28 5.56
CA GLU B 133 8.27 -36.12 5.83
C GLU B 133 8.65 -36.44 7.28
N LEU B 134 7.79 -36.04 8.21
CA LEU B 134 8.11 -36.05 9.64
C LEU B 134 7.63 -37.27 10.41
N ILE B 135 6.65 -37.99 9.86
CA ILE B 135 6.00 -39.09 10.59
C ILE B 135 6.97 -40.09 11.24
N THR B 136 7.98 -40.53 10.48
CA THR B 136 8.95 -41.52 10.96
C THR B 136 9.75 -41.02 12.18
N GLU B 137 10.20 -39.77 12.12
CA GLU B 137 10.96 -39.14 13.21
C GLU B 137 10.15 -39.05 14.51
N ILE B 138 8.88 -38.69 14.39
CA ILE B 138 8.00 -38.52 15.55
C ILE B 138 7.65 -39.88 16.20
N GLU B 139 7.49 -40.90 15.36
CA GLU B 139 7.23 -42.25 15.87
C GLU B 139 8.47 -42.81 16.60
N LYS B 140 9.65 -42.57 16.01
CA LYS B 140 10.93 -42.93 16.63
C LYS B 140 11.07 -42.34 18.04
N LEU B 141 10.72 -41.06 18.18
CA LEU B 141 10.74 -40.38 19.48
C LEU B 141 9.92 -41.11 20.55
N GLY B 142 8.72 -41.56 20.17
CA GLY B 142 7.83 -42.27 21.09
C GLY B 142 8.37 -43.61 21.56
N THR B 143 8.99 -44.35 20.64
CA THR B 143 9.62 -45.63 20.97
C THR B 143 10.87 -45.43 21.86
N TYR B 144 11.71 -44.46 21.49
CA TYR B 144 12.91 -44.13 22.26
C TYR B 144 12.62 -43.64 23.67
N SER B 145 11.49 -42.96 23.84
CA SER B 145 11.08 -42.47 25.16
C SER B 145 10.15 -43.45 25.85
N HIS B 146 9.87 -44.57 25.18
CA HIS B 146 8.99 -45.63 25.69
C HIS B 146 7.69 -45.09 26.21
N LEU B 147 7.01 -44.32 25.37
CA LEU B 147 5.72 -43.72 25.73
C LEU B 147 4.60 -44.63 25.24
N GLU B 148 3.78 -45.10 26.19
CA GLU B 148 2.75 -46.09 25.93
C GLU B 148 1.53 -45.48 25.26
N GLY B 149 1.18 -45.98 24.08
CA GLY B 149 0.01 -45.51 23.33
C GLY B 149 0.32 -44.46 22.28
N TRP B 150 1.61 -44.19 22.07
CA TRP B 150 2.09 -43.20 21.12
C TRP B 150 1.72 -43.58 19.71
N GLN B 151 0.78 -42.82 19.13
CA GLN B 151 0.28 -43.10 17.79
C GLN B 151 0.35 -41.86 16.89
N VAL B 152 0.94 -42.03 15.71
CA VAL B 152 1.04 -40.96 14.73
C VAL B 152 0.42 -41.39 13.40
N ILE B 153 -0.23 -40.45 12.71
CA ILE B 153 -0.79 -40.69 11.38
C ILE B 153 -0.53 -39.47 10.49
N SER B 154 -0.30 -39.70 9.20
CA SER B 154 -0.05 -38.60 8.27
C SER B 154 -1.32 -38.13 7.56
N VAL B 155 -1.34 -36.85 7.20
CA VAL B 155 -2.45 -36.24 6.49
C VAL B 155 -2.71 -36.95 5.16
N ASN B 156 -1.63 -37.23 4.42
CA ASN B 156 -1.73 -37.95 3.15
C ASN B 156 -2.30 -39.36 3.28
N GLU B 157 -2.10 -39.99 4.44
CA GLU B 157 -2.70 -41.30 4.71
C GLU B 157 -4.20 -41.16 4.97
N LEU B 158 -4.59 -40.09 5.67
CA LEU B 158 -6.01 -39.79 5.93
C LEU B 158 -6.75 -39.45 4.63
N ARG B 159 -6.02 -38.82 3.70
CA ARG B 159 -6.56 -38.46 2.39
C ARG B 159 -6.87 -39.69 1.52
N LYS B 160 -6.19 -40.80 1.80
CA LYS B 160 -6.32 -42.02 1.00
C LYS B 160 -7.45 -42.94 1.47
N ALA B 161 -8.09 -42.59 2.58
CA ALA B 161 -9.23 -43.35 3.12
C ALA B 161 -10.36 -43.41 2.09
N PRO B 162 -11.02 -44.58 1.96
CA PRO B 162 -12.13 -44.74 1.01
C PRO B 162 -13.22 -43.71 1.25
N SER B 163 -13.66 -43.06 0.16
CA SER B 163 -14.58 -41.93 0.24
C SER B 163 -15.93 -42.27 0.89
N LYS B 164 -16.35 -41.40 1.80
CA LYS B 164 -17.66 -41.49 2.45
C LYS B 164 -18.21 -40.07 2.55
N ILE B 165 -19.13 -39.73 1.66
CA ILE B 165 -19.76 -38.40 1.68
C ILE B 165 -20.73 -38.34 2.86
N GLU B 166 -20.35 -37.56 3.86
CA GLU B 166 -21.08 -37.47 5.11
C GLU B 166 -21.77 -36.11 5.24
N GLN B 167 -22.77 -36.03 6.11
CA GLN B 167 -23.38 -34.76 6.46
C GLN B 167 -22.73 -34.21 7.72
N LEU B 168 -22.32 -32.95 7.67
CA LEU B 168 -21.60 -32.30 8.77
C LEU B 168 -22.50 -32.08 9.98
N PRO B 169 -21.92 -32.18 11.21
CA PRO B 169 -22.72 -31.91 12.40
C PRO B 169 -23.03 -30.42 12.55
N ILE B 170 -24.17 -30.10 13.15
CA ILE B 170 -24.50 -28.72 13.47
C ILE B 170 -23.94 -28.43 14.86
N LEU B 171 -23.03 -27.47 14.93
CA LEU B 171 -22.29 -27.18 16.15
C LEU B 171 -22.76 -25.92 16.87
N ASP B 172 -22.51 -25.88 18.18
CA ASP B 172 -22.76 -24.72 19.00
C ASP B 172 -21.52 -23.84 18.97
N PRO B 173 -21.65 -22.57 18.54
CA PRO B 173 -20.52 -21.63 18.50
C PRO B 173 -19.86 -21.43 19.87
N GLN B 174 -20.60 -21.69 20.94
CA GLN B 174 -20.09 -21.55 22.31
C GLN B 174 -19.23 -22.73 22.73
N ASP B 175 -19.28 -23.82 21.97
CA ASP B 175 -18.45 -24.99 22.22
C ASP B 175 -17.01 -24.72 21.83
N ALA B 176 -16.09 -25.43 22.48
CA ALA B 176 -14.65 -25.35 22.19
C ALA B 176 -14.38 -25.74 20.74
N ALA B 177 -13.53 -24.96 20.08
CA ALA B 177 -13.16 -25.24 18.69
C ALA B 177 -11.65 -25.40 18.50
N LEU B 178 -10.87 -24.82 19.41
CA LEU B 178 -9.43 -24.79 19.29
C LEU B 178 -8.73 -24.72 20.65
N LEU B 179 -7.68 -25.52 20.80
CA LEU B 179 -6.88 -25.53 22.02
C LEU B 179 -5.43 -25.22 21.69
N LEU B 180 -4.96 -24.08 22.17
CA LEU B 180 -3.59 -23.64 21.92
C LEU B 180 -2.80 -23.52 23.22
N PHE B 181 -1.65 -24.18 23.25
CA PHE B 181 -0.80 -24.18 24.44
C PHE B 181 0.28 -23.12 24.37
N THR B 182 0.23 -22.18 25.32
CA THR B 182 1.23 -21.13 25.44
C THR B 182 2.36 -21.64 26.33
N SER B 183 3.60 -21.39 25.89
CA SER B 183 4.78 -21.82 26.61
C SER B 183 4.81 -21.24 28.02
N GLY B 184 5.15 -22.08 28.98
CA GLY B 184 5.26 -21.65 30.38
C GLY B 184 6.56 -20.93 30.65
N SER B 185 6.49 -19.91 31.51
CA SER B 185 7.67 -19.15 31.93
C SER B 185 8.59 -19.99 32.83
N THR B 186 7.99 -20.90 33.60
CA THR B 186 8.73 -21.81 34.47
C THR B 186 8.25 -23.26 34.32
N GLY B 187 6.96 -23.48 34.58
CA GLY B 187 6.40 -24.84 34.66
C GLY B 187 5.61 -25.29 33.45
N MSE B 188 4.53 -26.04 33.71
CA MSE B 188 3.70 -26.66 32.67
C MSE B 188 3.02 -25.64 31.79
O MSE B 188 2.65 -24.57 32.27
CB MSE B 188 2.65 -27.58 33.31
CG MSE B 188 3.26 -28.88 33.85
SE MSE B 188 3.86 -30.07 32.40
CE MSE B 188 2.84 -31.70 32.91
N PRO B 189 2.86 -25.96 30.49
CA PRO B 189 2.22 -25.04 29.54
C PRO B 189 0.71 -24.86 29.79
N LYS B 190 0.18 -23.72 29.34
CA LYS B 190 -1.22 -23.36 29.56
C LYS B 190 -2.04 -23.59 28.29
N GLY B 191 -3.10 -24.39 28.41
CA GLY B 191 -4.00 -24.67 27.28
C GLY B 191 -5.15 -23.69 27.17
N VAL B 192 -5.03 -22.76 26.22
CA VAL B 192 -6.05 -21.74 25.99
C VAL B 192 -7.21 -22.32 25.17
N ILE B 193 -8.37 -22.46 25.81
CA ILE B 193 -9.57 -22.96 25.13
C ILE B 193 -10.22 -21.81 24.34
N LEU B 194 -10.36 -22.01 23.03
CA LEU B 194 -10.99 -21.00 22.16
C LEU B 194 -12.20 -21.59 21.45
N THR B 195 -13.31 -20.85 21.51
CA THR B 195 -14.57 -21.24 20.89
C THR B 195 -14.69 -20.62 19.50
N HIS B 196 -15.65 -21.09 18.71
CA HIS B 196 -16.02 -20.43 17.44
C HIS B 196 -16.33 -18.99 17.72
N HIS B 197 -17.12 -18.77 18.77
CA HIS B 197 -17.55 -17.42 19.16
C HIS B 197 -16.39 -16.52 19.52
N ASN B 198 -15.41 -17.05 20.25
CA ASN B 198 -14.19 -16.29 20.55
C ASN B 198 -13.51 -15.82 19.28
N ILE B 199 -13.19 -16.78 18.41
CA ILE B 199 -12.44 -16.55 17.18
C ILE B 199 -13.17 -15.59 16.23
N LEU B 200 -14.47 -15.82 16.05
CA LEU B 200 -15.23 -15.06 15.07
C LEU B 200 -15.62 -13.66 15.55
N SER B 201 -15.63 -13.45 16.87
CA SER B 201 -15.80 -12.11 17.43
C SER B 201 -14.54 -11.28 17.21
N MSE B 202 -13.41 -11.92 17.15
CA MSE B 202 -12.18 -11.27 16.88
C MSE B 202 -12.20 -10.87 15.45
O MSE B 202 -11.98 -9.73 15.18
CB MSE B 202 -10.97 -12.08 17.33
CG MSE B 202 -9.60 -11.50 17.01
SE MSE B 202 -9.17 -11.66 15.15
CE MSE B 202 -7.64 -10.63 14.74
N THR B 203 -12.44 -11.79 14.53
CA THR B 203 -12.44 -11.48 13.10
C THR B 203 -13.42 -10.36 12.76
N ALA B 204 -14.67 -10.51 13.22
CA ALA B 204 -15.72 -9.51 12.96
C ALA B 204 -15.32 -8.12 13.48
N GLY B 205 -14.83 -8.07 14.72
CA GLY B 205 -14.38 -6.82 15.33
C GLY B 205 -13.25 -6.15 14.56
N THR B 206 -12.29 -6.95 14.12
CA THR B 206 -11.12 -6.46 13.40
C THR B 206 -11.48 -6.01 11.98
N VAL B 207 -12.33 -6.78 11.32
CA VAL B 207 -12.79 -6.46 9.96
C VAL B 207 -13.53 -5.11 9.93
N VAL B 208 -14.47 -4.93 10.85
CA VAL B 208 -15.29 -3.72 10.90
C VAL B 208 -14.47 -2.48 11.27
N MSE B 209 -13.55 -2.63 12.21
CA MSE B 209 -12.72 -1.54 12.65
C MSE B 209 -11.72 -1.12 11.64
O MSE B 209 -11.37 0.05 11.57
CB MSE B 209 -12.03 -1.93 13.95
CG MSE B 209 -10.99 -0.91 14.39
SE MSE B 209 -10.13 -1.24 16.09
CE MSE B 209 -8.83 0.14 15.91
N ASN B 210 -11.20 -2.03 10.86
CA ASN B 210 -10.14 -1.73 9.91
C ASN B 210 -10.56 -1.71 8.44
N HIS B 211 -11.85 -1.88 8.20
CA HIS B 211 -12.45 -1.85 6.86
C HIS B 211 -11.82 -2.82 5.89
N PHE B 212 -11.64 -4.06 6.34
CA PHE B 212 -11.15 -5.11 5.45
C PHE B 212 -12.29 -5.67 4.61
N THR B 213 -11.97 -6.04 3.36
CA THR B 213 -12.98 -6.55 2.42
C THR B 213 -12.51 -7.84 1.73
N GLN B 214 -13.33 -8.35 0.82
CA GLN B 214 -13.03 -9.55 0.02
C GLN B 214 -11.77 -9.36 -0.83
N GLN B 215 -11.37 -8.11 -1.04
CA GLN B 215 -10.29 -7.77 -1.95
C GLN B 215 -8.89 -7.84 -1.31
N GLU B 216 -8.84 -8.00 0.02
CA GLU B 216 -7.56 -8.04 0.72
C GLU B 216 -6.69 -9.22 0.30
N VAL B 217 -5.38 -9.05 0.41
CA VAL B 217 -4.44 -10.14 0.20
C VAL B 217 -3.54 -10.21 1.44
N THR B 218 -3.71 -11.25 2.23
CA THR B 218 -2.93 -11.44 3.45
C THR B 218 -1.73 -12.35 3.20
N LEU B 219 -0.62 -12.04 3.87
CA LEU B 219 0.59 -12.87 3.79
C LEU B 219 1.12 -13.17 5.18
N ASN B 220 1.31 -14.46 5.44
CA ASN B 220 1.86 -14.93 6.71
C ASN B 220 3.16 -15.70 6.48
N TRP B 221 4.14 -15.44 7.34
CA TRP B 221 5.39 -16.20 7.33
C TRP B 221 5.80 -16.62 8.71
N MSE B 222 4.87 -16.63 9.64
CA MSE B 222 5.05 -17.15 10.95
C MSE B 222 4.53 -18.54 11.05
O MSE B 222 3.75 -18.95 10.23
CB MSE B 222 4.21 -16.32 11.85
CG MSE B 222 4.77 -14.93 12.00
SE MSE B 222 6.44 -14.78 12.97
CE MSE B 222 7.52 -13.97 11.67
N PRO B 223 4.98 -19.31 12.03
CA PRO B 223 4.58 -20.72 12.08
C PRO B 223 3.07 -20.88 12.25
N LEU B 224 2.52 -21.91 11.59
CA LEU B 224 1.08 -22.10 11.49
C LEU B 224 0.40 -22.53 12.79
N ASP B 225 1.20 -22.88 13.79
CA ASP B 225 0.68 -23.32 15.08
C ASP B 225 0.37 -22.12 16.00
N HIS B 226 0.88 -20.96 15.62
CA HIS B 226 0.66 -19.76 16.44
C HIS B 226 -0.65 -19.08 16.12
N VAL B 227 -1.25 -18.51 17.16
CA VAL B 227 -2.56 -17.88 17.08
C VAL B 227 -2.66 -16.80 15.99
N GLY B 228 -1.59 -16.04 15.80
CA GLY B 228 -1.55 -14.98 14.81
C GLY B 228 -1.69 -15.49 13.39
N ALA B 229 -1.07 -16.65 13.12
CA ALA B 229 -1.13 -17.30 11.82
C ALA B 229 -2.45 -18.04 11.62
N ILE B 230 -2.96 -18.65 12.68
CA ILE B 230 -4.22 -19.40 12.63
C ILE B 230 -5.40 -18.45 12.45
N VAL B 231 -5.47 -17.42 13.28
CA VAL B 231 -6.64 -16.56 13.31
C VAL B 231 -6.49 -15.34 12.39
N PHE B 232 -5.61 -14.40 12.75
CA PHE B 232 -5.47 -13.14 12.02
C PHE B 232 -5.15 -13.30 10.53
N LEU B 233 -4.26 -14.24 10.20
CA LEU B 233 -3.85 -14.43 8.81
C LEU B 233 -4.29 -15.78 8.24
N GLY B 234 -5.26 -16.40 8.92
CA GLY B 234 -5.83 -17.65 8.46
C GLY B 234 -7.35 -17.56 8.41
N ILE B 235 -7.97 -17.79 9.57
CA ILE B 235 -9.44 -17.82 9.69
C ILE B 235 -10.09 -16.48 9.27
N MSE B 236 -9.41 -15.37 9.56
CA MSE B 236 -9.91 -14.05 9.16
C MSE B 236 -9.99 -13.90 7.67
O MSE B 236 -10.93 -13.29 7.16
CB MSE B 236 -9.05 -12.91 9.72
CG MSE B 236 -9.86 -11.62 9.64
SE MSE B 236 -8.69 -10.06 9.92
CE MSE B 236 -8.64 -10.31 11.88
N ALA B 237 -9.03 -14.47 6.96
CA ALA B 237 -9.04 -14.43 5.50
C ALA B 237 -10.20 -15.24 4.95
N VAL B 238 -10.52 -16.35 5.62
CA VAL B 238 -11.64 -17.20 5.25
C VAL B 238 -12.97 -16.47 5.49
N ASP B 239 -13.05 -15.77 6.62
CA ASP B 239 -14.24 -14.97 6.97
C ASP B 239 -14.48 -13.89 5.94
N LEU B 240 -13.40 -13.28 5.47
CA LEU B 240 -13.47 -12.25 4.43
C LEU B 240 -13.64 -12.85 3.05
N ALA B 241 -13.33 -14.15 2.94
CA ALA B 241 -13.24 -14.86 1.67
C ALA B 241 -12.20 -14.23 0.73
N CYS B 242 -11.17 -13.63 1.33
CA CYS B 242 -10.09 -13.00 0.57
C CYS B 242 -8.93 -13.96 0.34
N ASP B 243 -7.97 -13.56 -0.49
CA ASP B 243 -6.76 -14.35 -0.73
C ASP B 243 -5.84 -14.34 0.49
N GLN B 244 -5.24 -15.50 0.77
CA GLN B 244 -4.26 -15.63 1.83
C GLN B 244 -3.03 -16.43 1.39
N ILE B 245 -1.86 -15.95 1.79
CA ILE B 245 -0.58 -16.54 1.41
C ILE B 245 0.17 -17.01 2.65
N HIS B 246 0.74 -18.20 2.57
CA HIS B 246 1.54 -18.75 3.67
C HIS B 246 2.92 -19.14 3.22
N VAL B 247 3.92 -18.62 3.93
CA VAL B 247 5.33 -18.85 3.63
C VAL B 247 5.99 -19.48 4.85
N PRO B 248 6.87 -20.48 4.64
CA PRO B 248 7.65 -21.00 5.77
C PRO B 248 8.57 -19.92 6.33
N MSE B 249 8.65 -19.84 7.65
CA MSE B 249 9.44 -18.81 8.33
C MSE B 249 10.88 -18.81 7.90
O MSE B 249 11.46 -17.75 7.67
CB MSE B 249 9.33 -19.03 9.84
CG MSE B 249 9.84 -17.80 10.59
SE MSE B 249 9.62 -18.05 12.54
CE MSE B 249 10.29 -19.91 12.73
N GLU B 250 11.45 -20.00 7.79
CA GLU B 250 12.87 -20.18 7.44
C GLU B 250 13.27 -19.55 6.11
N LEU B 251 12.35 -19.53 5.16
CA LEU B 251 12.59 -18.91 3.85
C LEU B 251 12.86 -17.40 4.00
N VAL B 252 12.11 -16.76 4.88
CA VAL B 252 12.27 -15.32 5.13
C VAL B 252 13.45 -15.05 6.05
N LEU B 253 13.71 -15.97 6.99
CA LEU B 253 14.85 -15.82 7.88
C LEU B 253 16.19 -15.98 7.16
N ARG B 254 16.21 -16.81 6.11
CA ARG B 254 17.39 -16.97 5.27
C ARG B 254 17.66 -15.69 4.46
N GLN B 255 16.61 -15.12 3.87
CA GLN B 255 16.71 -13.88 3.12
C GLN B 255 15.53 -12.97 3.45
N PRO B 256 15.71 -12.05 4.42
CA PRO B 256 14.65 -11.17 4.90
C PRO B 256 13.92 -10.37 3.81
N LEU B 257 14.65 -10.03 2.74
CA LEU B 257 14.08 -9.22 1.65
C LEU B 257 13.05 -9.97 0.80
N GLN B 258 13.02 -11.30 0.95
CA GLN B 258 12.00 -12.13 0.29
C GLN B 258 10.59 -11.79 0.75
N TRP B 259 10.47 -11.30 1.99
CA TRP B 259 9.21 -10.79 2.52
C TRP B 259 8.73 -9.64 1.67
N LEU B 260 9.63 -8.72 1.34
CA LEU B 260 9.34 -7.59 0.48
C LEU B 260 9.08 -8.02 -0.96
N GLU B 261 9.82 -9.04 -1.40
CA GLU B 261 9.66 -9.62 -2.73
C GLU B 261 8.23 -10.14 -2.94
N LEU B 262 7.73 -10.88 -1.96
CA LEU B 262 6.40 -11.47 -2.04
C LEU B 262 5.27 -10.45 -1.84
N ILE B 263 5.52 -9.42 -1.04
CA ILE B 263 4.55 -8.32 -0.87
C ILE B 263 4.28 -7.62 -2.21
N GLN B 264 5.35 -7.38 -2.96
CA GLN B 264 5.28 -6.74 -4.27
C GLN B 264 4.66 -7.66 -5.31
N LYS B 265 5.17 -8.89 -5.39
CA LYS B 265 4.74 -9.87 -6.39
C LYS B 265 3.25 -10.20 -6.31
N HIS B 266 2.72 -10.25 -5.09
CA HIS B 266 1.34 -10.68 -4.86
C HIS B 266 0.42 -9.55 -4.50
N GLN B 267 0.95 -8.33 -4.48
CA GLN B 267 0.19 -7.14 -4.10
C GLN B 267 -0.49 -7.32 -2.74
N VAL B 268 0.32 -7.69 -1.75
CA VAL B 268 -0.14 -7.96 -0.39
C VAL B 268 -0.59 -6.67 0.28
N SER B 269 -1.75 -6.72 0.94
CA SER B 269 -2.29 -5.55 1.63
C SER B 269 -2.25 -5.71 3.16
N ILE B 270 -2.09 -6.94 3.63
CA ILE B 270 -2.05 -7.25 5.06
C ILE B 270 -0.95 -8.27 5.38
N SER B 271 -0.05 -7.90 6.29
CA SER B 271 0.98 -8.82 6.78
C SER B 271 1.37 -8.52 8.23
N TRP B 272 2.25 -9.34 8.80
CA TRP B 272 2.62 -9.26 10.21
C TRP B 272 3.93 -9.93 10.53
N SER B 273 4.67 -9.29 11.43
CA SER B 273 5.83 -9.90 12.08
C SER B 273 6.05 -9.23 13.44
N PRO B 274 6.78 -9.90 14.36
CA PRO B 274 7.21 -9.21 15.58
C PRO B 274 8.27 -8.15 15.28
N ASN B 275 8.58 -7.33 16.27
CA ASN B 275 9.51 -6.21 16.11
C ASN B 275 10.89 -6.55 15.56
N PHE B 276 11.42 -7.72 15.92
CA PHE B 276 12.79 -8.11 15.52
C PHE B 276 12.96 -8.24 14.02
N ALA B 277 11.91 -8.67 13.33
CA ALA B 277 11.95 -8.83 11.88
C ALA B 277 12.02 -7.48 11.17
N PHE B 278 11.32 -6.50 11.74
CA PHE B 278 11.42 -5.10 11.32
C PHE B 278 12.87 -4.64 11.41
N SER B 279 13.53 -5.04 12.50
CA SER B 279 14.95 -4.75 12.71
C SER B 279 15.84 -5.51 11.71
N LEU B 280 15.50 -6.77 11.44
CA LEU B 280 16.22 -7.58 10.45
C LEU B 280 16.22 -6.94 9.05
N ILE B 281 15.09 -6.36 8.66
CA ILE B 281 14.98 -5.61 7.41
C ILE B 281 15.87 -4.36 7.45
N ASN B 282 15.87 -3.67 8.60
CA ASN B 282 16.73 -2.51 8.81
C ASN B 282 18.21 -2.78 8.60
N GLN B 283 18.63 -4.02 8.83
CA GLN B 283 20.02 -4.45 8.63
C GLN B 283 20.39 -4.57 7.16
N GLN B 284 19.39 -4.57 6.29
CA GLN B 284 19.57 -4.70 4.85
C GLN B 284 19.55 -3.35 4.13
N ALA B 285 19.75 -2.27 4.90
CA ALA B 285 19.70 -0.90 4.38
C ALA B 285 20.64 -0.64 3.19
N GLU B 286 21.81 -1.28 3.20
CA GLU B 286 22.81 -1.08 2.16
C GLU B 286 22.39 -1.67 0.82
N GLU B 287 21.96 -2.93 0.83
CA GLU B 287 21.49 -3.61 -0.38
C GLU B 287 20.15 -3.07 -0.89
N LEU B 288 19.39 -2.44 0.00
CA LEU B 288 18.12 -1.80 -0.35
C LEU B 288 18.29 -0.46 -1.06
N LYS B 289 19.54 0.00 -1.16
CA LYS B 289 19.86 1.22 -1.91
C LYS B 289 20.16 0.92 -3.38
N HIS B 290 20.32 -0.36 -3.71
CA HIS B 290 20.68 -0.80 -5.06
C HIS B 290 19.59 -1.52 -5.80
N VAL B 291 18.70 -2.17 -5.06
CA VAL B 291 17.49 -2.76 -5.66
C VAL B 291 16.27 -1.90 -5.33
N SER B 292 15.20 -2.07 -6.10
CA SER B 292 13.99 -1.29 -5.89
C SER B 292 12.75 -2.18 -5.74
N TYR B 293 12.00 -1.94 -4.67
CA TYR B 293 10.76 -2.67 -4.39
C TYR B 293 9.55 -1.75 -4.40
N ASN B 294 8.39 -2.30 -4.77
CA ASN B 294 7.13 -1.57 -4.74
C ASN B 294 6.21 -2.17 -3.68
N LEU B 295 6.03 -1.44 -2.59
CA LEU B 295 5.24 -1.91 -1.45
C LEU B 295 3.99 -1.07 -1.24
N SER B 296 3.55 -0.40 -2.31
CA SER B 296 2.38 0.51 -2.24
C SER B 296 1.06 -0.21 -1.95
N SER B 297 1.02 -1.51 -2.23
CA SER B 297 -0.17 -2.33 -1.94
C SER B 297 -0.42 -2.52 -0.44
N MSE B 298 0.65 -2.40 0.36
CA MSE B 298 0.59 -2.63 1.80
C MSE B 298 -0.07 -1.49 2.52
O MSE B 298 0.42 -0.36 2.46
CB MSE B 298 2.01 -2.81 2.36
CG MSE B 298 1.99 -3.09 3.86
SE MSE B 298 1.48 -4.98 4.08
CE MSE B 298 0.29 -4.87 5.60
N LYS B 299 -1.17 -1.78 3.19
CA LYS B 299 -1.90 -0.75 3.94
C LYS B 299 -2.00 -1.06 5.43
N PHE B 300 -1.77 -2.32 5.79
CA PHE B 300 -1.95 -2.77 7.17
C PHE B 300 -0.80 -3.65 7.69
N LEU B 301 0.38 -3.06 7.85
CA LEU B 301 1.57 -3.82 8.26
C LEU B 301 1.70 -3.90 9.77
N VAL B 302 1.43 -5.09 10.31
CA VAL B 302 1.35 -5.25 11.77
C VAL B 302 2.71 -5.54 12.41
N ASN B 303 3.03 -4.76 13.43
CA ASN B 303 4.11 -5.06 14.35
C ASN B 303 3.49 -5.46 15.69
N ALA B 304 3.56 -6.75 16.01
CA ALA B 304 2.93 -7.29 17.21
C ALA B 304 3.52 -8.64 17.62
N GLY B 305 3.35 -8.98 18.89
CA GLY B 305 3.84 -10.25 19.44
C GLY B 305 4.99 -10.05 20.41
N GLU B 306 5.41 -8.80 20.54
CA GLU B 306 6.67 -8.43 21.19
C GLU B 306 6.65 -6.91 21.35
N GLN B 307 7.34 -6.41 22.37
CA GLN B 307 7.44 -4.97 22.61
C GLN B 307 7.91 -4.23 21.36
N VAL B 308 7.20 -3.17 21.01
CA VAL B 308 7.48 -2.41 19.80
C VAL B 308 8.45 -1.26 20.10
N SER B 309 9.49 -1.15 19.27
CA SER B 309 10.52 -0.12 19.44
C SER B 309 10.28 1.07 18.52
N VAL B 310 10.31 2.27 19.10
CA VAL B 310 10.10 3.52 18.36
C VAL B 310 11.18 3.72 17.30
N LYS B 311 12.44 3.53 17.69
CA LYS B 311 13.59 3.76 16.81
C LYS B 311 13.65 2.75 15.67
N THR B 312 13.19 1.53 15.93
CA THR B 312 13.15 0.48 14.92
C THR B 312 12.08 0.79 13.87
N ILE B 313 10.93 1.28 14.32
CA ILE B 313 9.85 1.72 13.44
C ILE B 313 10.27 2.88 12.53
N ARG B 314 10.86 3.92 13.12
CA ARG B 314 11.33 5.08 12.36
C ARG B 314 12.27 4.69 11.23
N LEU B 315 13.31 3.94 11.57
CA LEU B 315 14.32 3.51 10.60
C LEU B 315 13.70 2.63 9.51
N PHE B 316 12.73 1.81 9.90
CA PHE B 316 11.96 0.97 8.97
C PHE B 316 11.20 1.84 7.97
N LEU B 317 10.50 2.86 8.48
CA LEU B 317 9.79 3.83 7.65
C LEU B 317 10.72 4.60 6.72
N GLU B 318 11.82 5.10 7.27
CA GLU B 318 12.78 5.89 6.51
C GLU B 318 13.36 5.14 5.32
N ILE B 319 13.75 3.89 5.55
CA ILE B 319 14.35 3.04 4.51
C ILE B 319 13.34 2.65 3.43
N LEU B 320 12.11 2.31 3.85
CA LEU B 320 11.11 1.77 2.92
C LEU B 320 10.14 2.79 2.30
N GLU B 321 10.23 4.05 2.71
CA GLU B 321 9.48 5.13 2.05
C GLU B 321 10.00 5.36 0.64
N LYS B 322 11.27 5.02 0.42
CA LYS B 322 11.89 5.07 -0.90
C LYS B 322 11.42 3.89 -1.76
N HIS B 323 10.73 2.95 -1.12
CA HIS B 323 10.21 1.75 -1.78
C HIS B 323 8.70 1.74 -1.80
N GLN B 324 8.12 2.93 -1.76
CA GLN B 324 6.67 3.15 -1.93
C GLN B 324 5.77 2.61 -0.80
N LEU B 325 6.35 2.30 0.35
CA LEU B 325 5.55 1.91 1.51
C LEU B 325 4.80 3.13 2.03
N GLN B 326 3.49 3.14 1.82
CA GLN B 326 2.66 4.30 2.16
C GLN B 326 2.66 4.61 3.65
N GLU B 327 2.27 5.82 4.00
CA GLU B 327 2.26 6.24 5.39
C GLU B 327 1.06 5.74 6.16
N ARG B 328 1.26 5.51 7.46
CA ARG B 328 0.26 4.92 8.35
C ARG B 328 -0.07 3.47 7.99
N ALA B 329 0.76 2.87 7.14
CA ALA B 329 0.64 1.46 6.78
C ALA B 329 1.07 0.54 7.92
N ILE B 330 2.08 0.98 8.68
CA ILE B 330 2.58 0.22 9.82
C ILE B 330 1.61 0.36 10.99
N LYS B 331 1.12 -0.78 11.46
CA LYS B 331 0.10 -0.83 12.51
C LYS B 331 0.58 -1.64 13.72
N PRO B 332 1.16 -0.96 14.73
CA PRO B 332 1.46 -1.59 16.00
C PRO B 332 0.17 -2.12 16.63
N ALA B 333 0.20 -3.36 17.08
CA ALA B 333 -0.99 -4.00 17.62
C ALA B 333 -0.66 -4.78 18.88
N PHE B 334 -1.68 -4.95 19.71
CA PHE B 334 -1.57 -5.83 20.86
C PHE B 334 -2.46 -7.04 20.66
N GLY B 335 -1.95 -8.20 21.08
CA GLY B 335 -2.70 -9.44 21.01
C GLY B 335 -2.04 -10.52 21.83
N MSE B 336 -2.77 -11.63 22.01
CA MSE B 336 -2.28 -12.79 22.73
C MSE B 336 -3.10 -13.96 22.33
O MSE B 336 -4.15 -13.81 21.70
CB MSE B 336 -2.35 -12.57 24.25
CG MSE B 336 -3.75 -12.24 24.76
SE MSE B 336 -3.60 -11.42 26.55
CE MSE B 336 -2.04 -10.29 26.19
N THR B 337 -2.64 -15.16 22.68
CA THR B 337 -3.37 -16.39 22.44
C THR B 337 -4.75 -16.34 23.07
N GLU B 338 -4.83 -15.77 24.27
CA GLU B 338 -6.07 -15.67 25.05
C GLU B 338 -7.14 -14.77 24.40
N SER B 339 -6.73 -13.91 23.48
CA SER B 339 -7.66 -13.01 22.79
C SER B 339 -7.74 -13.29 21.29
N CYS B 340 -7.43 -14.52 20.92
CA CYS B 340 -7.45 -14.95 19.55
C CYS B 340 -6.64 -14.01 18.71
N SER B 341 -5.39 -13.83 19.09
CA SER B 341 -4.48 -12.76 18.66
C SER B 341 -4.97 -11.33 18.84
N GLY B 342 -4.97 -10.53 17.79
CA GLY B 342 -5.18 -9.11 17.94
C GLY B 342 -6.44 -8.61 18.60
N ILE B 343 -6.26 -7.69 19.52
CA ILE B 343 -7.39 -7.11 20.27
C ILE B 343 -7.40 -5.58 20.21
N THR B 344 -6.22 -4.96 20.12
CA THR B 344 -6.12 -3.52 19.87
C THR B 344 -5.30 -3.28 18.61
N TRP B 345 -5.71 -2.31 17.81
CA TRP B 345 -5.01 -1.95 16.57
C TRP B 345 -4.72 -0.49 16.53
N SER B 346 -3.51 -0.14 16.09
CA SER B 346 -3.13 1.25 15.88
C SER B 346 -3.75 1.80 14.61
N ALA B 347 -4.03 3.09 14.59
CA ALA B 347 -4.52 3.77 13.39
C ALA B 347 -3.38 4.00 12.40
N GLY B 348 -2.14 3.91 12.89
CA GLY B 348 -0.95 4.10 12.07
C GLY B 348 -0.05 5.20 12.59
N LEU B 349 1.21 5.18 12.21
CA LEU B 349 2.14 6.19 12.70
C LEU B 349 2.35 7.23 11.66
N SER B 350 2.60 8.47 12.03
CA SER B 350 2.27 9.14 13.29
C SER B 350 1.60 10.54 13.23
N LYS B 351 1.55 11.24 12.10
CA LYS B 351 2.20 10.88 10.86
C LYS B 351 3.70 10.88 11.10
N ASN B 352 4.18 11.92 11.77
CA ASN B 352 5.60 12.07 12.05
C ASN B 352 5.82 12.57 13.46
N GLU B 353 4.69 12.82 14.10
CA GLU B 353 4.61 13.37 15.46
C GLU B 353 4.99 12.32 16.50
N LEU B 354 4.24 11.22 16.54
CA LEU B 354 4.38 10.18 17.57
C LEU B 354 5.70 9.40 17.46
N THR B 355 6.39 9.57 16.34
CA THR B 355 7.66 8.88 16.09
C THR B 355 8.88 9.71 16.51
N GLU B 356 8.63 10.88 17.09
CA GLU B 356 9.70 11.77 17.50
C GLU B 356 10.21 11.30 18.84
N GLU B 357 10.67 10.06 18.88
CA GLU B 357 11.37 9.54 20.04
C GLU B 357 10.43 9.08 21.15
N ASN B 358 9.13 9.20 20.96
CA ASN B 358 8.25 9.06 22.10
C ASN B 358 8.19 7.59 22.30
N SER B 359 8.94 7.10 23.28
CA SER B 359 8.63 5.81 23.86
C SER B 359 7.47 6.22 24.70
N PHE B 360 6.46 5.38 24.86
CA PHE B 360 6.38 4.10 24.17
C PHE B 360 5.43 4.18 22.96
N VAL B 361 5.38 3.10 22.18
CA VAL B 361 4.56 3.06 20.96
C VAL B 361 3.09 2.76 21.27
N SER B 362 2.20 3.51 20.63
CA SER B 362 0.76 3.30 20.77
C SER B 362 0.31 2.04 20.04
N LEU B 363 -0.46 1.21 20.73
CA LEU B 363 -0.99 -0.01 20.14
C LEU B 363 -2.48 0.13 19.80
N GLY B 364 -2.97 1.37 19.88
CA GLY B 364 -4.30 1.72 19.42
C GLY B 364 -5.43 1.36 20.37
N LYS B 365 -6.65 1.40 19.84
CA LYS B 365 -7.87 1.19 20.62
C LYS B 365 -8.39 -0.24 20.44
N PRO B 366 -9.13 -0.77 21.44
CA PRO B 366 -9.64 -2.14 21.38
C PRO B 366 -10.70 -2.34 20.30
N ILE B 367 -10.86 -3.59 19.84
CA ILE B 367 -11.86 -3.94 18.82
C ILE B 367 -13.29 -3.76 19.33
N PRO B 368 -14.25 -3.47 18.43
CA PRO B 368 -15.66 -3.50 18.86
C PRO B 368 -15.97 -4.82 19.54
N GLY B 369 -16.66 -4.76 20.67
CA GLY B 369 -16.96 -5.93 21.47
C GLY B 369 -16.00 -6.14 22.62
N ALA B 370 -14.84 -5.46 22.57
CA ALA B 370 -13.80 -5.63 23.58
C ALA B 370 -13.64 -4.41 24.49
N THR B 371 -13.33 -4.68 25.76
CA THR B 371 -13.06 -3.64 26.74
C THR B 371 -11.73 -3.93 27.45
N ILE B 372 -10.90 -2.90 27.58
CA ILE B 372 -9.60 -3.03 28.25
C ILE B 372 -9.42 -1.99 29.36
N ARG B 373 -8.70 -2.37 30.42
CA ARG B 373 -8.42 -1.44 31.52
C ARG B 373 -7.05 -1.65 32.16
N ILE B 374 -6.57 -0.61 32.85
CA ILE B 374 -5.33 -0.65 33.60
C ILE B 374 -5.64 -0.48 35.09
N VAL B 375 -5.23 -1.45 35.91
CA VAL B 375 -5.56 -1.44 37.35
C VAL B 375 -4.35 -1.52 38.28
N ASP B 376 -4.59 -1.25 39.57
CA ASP B 376 -3.61 -1.46 40.63
C ASP B 376 -3.68 -2.88 41.17
N GLN B 377 -3.09 -3.11 42.35
CA GLN B 377 -3.05 -4.45 42.95
C GLN B 377 -4.40 -4.89 43.53
N GLU B 378 -5.30 -3.93 43.73
CA GLU B 378 -6.64 -4.22 44.26
C GLU B 378 -7.71 -4.10 43.17
N ASN B 379 -7.29 -4.18 41.92
CA ASN B 379 -8.16 -4.16 40.74
C ASN B 379 -8.93 -2.86 40.50
N ASN B 380 -8.46 -1.76 41.09
CA ASN B 380 -9.07 -0.46 40.88
C ASN B 380 -8.43 0.27 39.70
N PRO B 381 -9.25 0.72 38.74
CA PRO B 381 -8.78 1.49 37.59
C PRO B 381 -7.99 2.74 38.02
N LEU B 382 -6.85 2.96 37.36
CA LEU B 382 -5.94 4.05 37.72
C LEU B 382 -6.15 5.26 36.80
N PRO B 383 -5.72 6.47 37.24
CA PRO B 383 -5.79 7.63 36.35
C PRO B 383 -5.01 7.42 35.04
N GLU B 384 -5.41 8.13 33.99
CA GLU B 384 -4.78 8.01 32.69
C GLU B 384 -3.28 8.29 32.72
N ARG B 385 -2.54 7.57 31.87
CA ARG B 385 -1.08 7.71 31.74
C ARG B 385 -0.27 7.17 32.93
N GLU B 386 -0.96 6.50 33.86
CA GLU B 386 -0.31 5.83 34.98
C GLU B 386 -0.19 4.32 34.72
N ILE B 387 1.00 3.77 34.98
CA ILE B 387 1.31 2.38 34.67
C ILE B 387 0.75 1.39 35.70
N GLY B 388 0.09 0.35 35.21
CA GLY B 388 -0.45 -0.72 36.04
C GLY B 388 -0.70 -1.99 35.26
N ARG B 389 -1.51 -2.88 35.83
CA ARG B 389 -1.80 -4.19 35.21
C ARG B 389 -2.93 -4.12 34.19
N LEU B 390 -2.67 -4.68 33.00
CA LEU B 390 -3.66 -4.69 31.92
C LEU B 390 -4.65 -5.85 32.04
N GLN B 391 -5.93 -5.49 32.11
CA GLN B 391 -7.01 -6.48 32.14
C GLN B 391 -7.91 -6.30 30.93
N ILE B 392 -8.31 -7.42 30.32
CA ILE B 392 -9.12 -7.40 29.10
C ILE B 392 -10.41 -8.22 29.23
N GLN B 393 -11.43 -7.83 28.48
CA GLN B 393 -12.67 -8.60 28.38
C GLN B 393 -13.35 -8.41 27.03
N GLY B 394 -14.33 -9.26 26.75
CA GLY B 394 -15.06 -9.23 25.48
C GLY B 394 -15.22 -10.63 24.91
N ASN B 395 -16.13 -10.75 23.94
CA ASN B 395 -16.45 -12.03 23.32
C ASN B 395 -15.27 -12.79 22.72
N SER B 396 -14.23 -12.06 22.30
CA SER B 396 -13.04 -12.64 21.70
C SER B 396 -12.04 -13.19 22.72
N VAL B 397 -12.29 -12.94 24.00
CA VAL B 397 -11.39 -13.35 25.08
C VAL B 397 -11.79 -14.73 25.62
N THR B 398 -10.79 -15.60 25.80
CA THR B 398 -11.01 -16.94 26.34
C THR B 398 -11.72 -16.92 27.70
N LYS B 399 -12.48 -17.98 27.97
CA LYS B 399 -13.23 -18.10 29.21
C LYS B 399 -12.46 -18.91 30.27
N GLY B 400 -11.45 -19.64 29.83
CA GLY B 400 -10.64 -20.46 30.74
C GLY B 400 -9.57 -21.32 30.10
N TYR B 401 -8.65 -21.80 30.92
CA TYR B 401 -7.58 -22.69 30.50
C TYR B 401 -7.99 -24.15 30.66
N TYR B 402 -7.41 -25.02 29.85
CA TYR B 402 -7.71 -26.46 29.91
C TYR B 402 -7.31 -27.04 31.27
N ASN B 403 -8.25 -27.79 31.85
CA ASN B 403 -8.17 -28.26 33.24
C ASN B 403 -7.83 -27.08 34.16
N ASN B 404 -6.68 -27.15 34.83
CA ASN B 404 -6.09 -26.00 35.55
C ASN B 404 -7.05 -25.05 36.25
N ASN B 405 -7.75 -25.55 37.26
CA ASN B 405 -8.66 -24.74 38.07
C ASN B 405 -7.95 -23.63 38.87
N GLU B 406 -6.73 -23.92 39.30
CA GLU B 406 -5.93 -23.00 40.10
C GLU B 406 -5.59 -21.72 39.34
N LEU B 407 -5.24 -21.87 38.06
CA LEU B 407 -4.93 -20.73 37.21
C LEU B 407 -6.18 -19.93 36.84
N ASN B 408 -7.27 -20.63 36.57
CA ASN B 408 -8.55 -19.98 36.25
C ASN B 408 -9.05 -19.07 37.37
N GLN B 409 -8.92 -19.56 38.62
CA GLN B 409 -9.30 -18.79 39.80
C GLN B 409 -8.43 -17.55 40.01
N GLU B 410 -7.17 -17.64 39.58
CA GLU B 410 -6.20 -16.57 39.77
C GLU B 410 -6.40 -15.40 38.79
N VAL B 411 -6.51 -15.70 37.50
CA VAL B 411 -6.49 -14.65 36.46
C VAL B 411 -7.86 -14.22 35.91
N PHE B 412 -8.89 -15.04 36.11
CA PHE B 412 -10.25 -14.66 35.72
C PHE B 412 -11.04 -14.19 36.93
N GLN B 413 -11.25 -12.88 37.01
CA GLN B 413 -11.97 -12.28 38.14
C GLN B 413 -13.12 -11.39 37.69
N GLU B 414 -14.34 -11.83 38.01
CA GLU B 414 -15.60 -11.16 37.64
C GLU B 414 -15.60 -10.50 36.26
N GLY B 415 -15.45 -11.34 35.23
CA GLY B 415 -15.54 -10.89 33.85
C GLY B 415 -14.24 -10.41 33.24
N TRP B 416 -13.22 -10.20 34.07
CA TRP B 416 -11.93 -9.70 33.59
C TRP B 416 -10.86 -10.75 33.57
N PHE B 417 -9.95 -10.64 32.60
CA PHE B 417 -8.79 -11.50 32.50
C PHE B 417 -7.50 -10.70 32.66
N THR B 418 -6.67 -11.11 33.62
CA THR B 418 -5.36 -10.50 33.83
C THR B 418 -4.38 -11.05 32.80
N THR B 419 -3.80 -10.16 32.00
CA THR B 419 -2.93 -10.55 30.89
C THR B 419 -1.50 -10.87 31.35
N GLY B 420 -1.12 -10.34 32.51
CA GLY B 420 0.25 -10.44 32.99
C GLY B 420 1.13 -9.36 32.38
N ASP B 421 0.51 -8.41 31.69
CA ASP B 421 1.22 -7.30 31.05
C ASP B 421 1.06 -5.99 31.80
N LEU B 422 1.99 -5.08 31.58
CA LEU B 422 1.98 -3.77 32.22
C LEU B 422 1.91 -2.67 31.17
N GLY B 423 1.20 -1.60 31.50
CA GLY B 423 1.10 -0.44 30.62
C GLY B 423 0.15 0.62 31.11
N TYR B 424 -0.21 1.54 30.21
CA TYR B 424 -1.15 2.61 30.53
C TYR B 424 -2.06 2.93 29.34
N LEU B 425 -3.22 3.53 29.64
CA LEU B 425 -4.12 4.02 28.62
C LEU B 425 -4.05 5.53 28.53
N SER B 426 -4.03 6.05 27.31
CA SER B 426 -4.00 7.48 27.06
C SER B 426 -4.82 7.80 25.82
N LYS B 427 -5.84 8.64 26.01
CA LYS B 427 -6.77 9.04 24.95
C LYS B 427 -7.41 7.83 24.25
N GLY B 428 -7.66 6.78 25.03
CA GLY B 428 -8.26 5.56 24.52
C GLY B 428 -7.31 4.57 23.88
N GLU B 429 -6.01 4.85 23.94
CA GLU B 429 -5.01 4.01 23.28
C GLU B 429 -4.18 3.22 24.30
N LEU B 430 -3.88 1.96 23.96
CA LEU B 430 -3.09 1.09 24.83
C LEU B 430 -1.59 1.24 24.56
N PHE B 431 -0.84 1.45 25.65
CA PHE B 431 0.62 1.50 25.60
C PHE B 431 1.16 0.43 26.55
N ILE B 432 1.82 -0.59 26.00
CA ILE B 432 2.48 -1.60 26.84
C ILE B 432 3.88 -1.13 27.23
N THR B 433 4.17 -1.20 28.52
CA THR B 433 5.46 -0.74 29.05
C THR B 433 6.36 -1.88 29.48
N GLY B 434 5.78 -3.06 29.71
CA GLY B 434 6.54 -4.25 30.08
C GLY B 434 5.66 -5.40 30.52
N ARG B 435 6.29 -6.42 31.08
CA ARG B 435 5.57 -7.56 31.64
C ARG B 435 5.85 -7.65 33.15
N GLU B 436 4.83 -8.00 33.93
CA GLU B 436 4.98 -8.10 35.38
C GLU B 436 5.92 -9.23 35.80
N LYS B 437 6.68 -8.98 36.87
CA LYS B 437 7.75 -9.86 37.34
C LYS B 437 8.96 -9.87 36.38
N GLN B 438 9.01 -8.87 35.50
CA GLN B 438 10.13 -8.68 34.57
C GLN B 438 10.59 -7.23 34.54
N GLU B 439 10.21 -6.49 35.58
CA GLU B 439 10.57 -5.08 35.71
C GLU B 439 12.04 -4.91 36.05
N ILE B 440 12.66 -3.88 35.48
CA ILE B 440 14.04 -3.51 35.81
C ILE B 440 14.04 -2.17 36.53
N ILE B 441 14.14 -2.22 37.85
CA ILE B 441 14.19 -1.01 38.69
C ILE B 441 15.56 -0.98 39.37
N ILE B 442 16.39 -0.01 38.99
CA ILE B 442 17.73 0.12 39.57
C ILE B 442 17.92 1.47 40.25
N ASN B 443 18.06 1.43 41.58
CA ASN B 443 18.20 2.62 42.42
C ASN B 443 17.03 3.60 42.30
N GLY B 444 15.82 3.04 42.26
CA GLY B 444 14.59 3.82 42.16
C GLY B 444 14.33 4.38 40.76
N VAL B 445 15.10 3.91 39.79
CA VAL B 445 14.93 4.32 38.40
C VAL B 445 14.44 3.14 37.56
N ASN B 446 13.29 3.33 36.92
CA ASN B 446 12.71 2.31 36.05
C ASN B 446 13.44 2.23 34.70
N TYR B 447 13.85 1.03 34.34
CA TYR B 447 14.47 0.77 33.05
C TYR B 447 13.62 -0.20 32.23
N PHE B 448 13.73 -0.11 30.91
CA PHE B 448 12.86 -0.86 30.02
C PHE B 448 13.64 -1.73 29.04
N ALA B 449 13.39 -3.03 29.12
CA ALA B 449 14.17 -4.05 28.41
C ALA B 449 14.34 -3.78 26.91
N HIS B 450 13.24 -3.47 26.23
CA HIS B 450 13.27 -3.28 24.77
C HIS B 450 14.18 -2.17 24.35
N GLU B 451 14.23 -1.10 25.14
CA GLU B 451 15.15 0.02 24.90
C GLU B 451 16.60 -0.44 24.98
N LEU B 452 16.92 -1.17 26.04
CA LEU B 452 18.26 -1.71 26.25
C LEU B 452 18.66 -2.66 25.12
N GLU B 453 17.74 -3.57 24.78
CA GLU B 453 17.94 -4.55 23.71
C GLU B 453 18.12 -3.91 22.34
N THR B 454 17.39 -2.84 22.07
CA THR B 454 17.47 -2.13 20.79
C THR B 454 18.82 -1.43 20.63
N THR B 455 19.23 -0.69 21.66
CA THR B 455 20.50 0.04 21.66
C THR B 455 21.71 -0.89 21.48
N ILE B 456 21.67 -2.03 22.18
CA ILE B 456 22.72 -3.04 22.08
C ILE B 456 22.79 -3.63 20.66
N GLU B 457 21.63 -3.85 20.05
CA GLU B 457 21.57 -4.43 18.71
C GLU B 457 21.98 -3.46 17.58
N GLU B 458 22.17 -2.19 17.93
CA GLU B 458 22.73 -1.21 17.00
C GLU B 458 24.24 -1.43 16.78
N LEU B 459 24.87 -2.12 17.72
CA LEU B 459 26.32 -2.34 17.70
C LEU B 459 26.75 -3.42 16.70
N GLU B 460 27.92 -3.19 16.10
CA GLU B 460 28.57 -4.18 15.23
C GLU B 460 29.05 -5.36 16.07
N GLY B 461 28.65 -6.57 15.67
CA GLY B 461 29.05 -7.78 16.36
C GLY B 461 27.93 -8.46 17.14
N VAL B 462 26.82 -7.75 17.31
CA VAL B 462 25.63 -8.29 17.99
C VAL B 462 24.62 -8.78 16.95
N LYS B 463 24.34 -10.09 16.97
CA LYS B 463 23.38 -10.67 16.05
C LYS B 463 21.96 -10.33 16.50
N VAL B 464 21.19 -9.75 15.59
CA VAL B 464 19.85 -9.31 15.87
C VAL B 464 18.89 -10.44 16.14
N SER B 465 18.02 -10.22 17.10
CA SER B 465 16.99 -11.13 17.54
C SER B 465 17.42 -12.13 18.57
N TYR B 466 18.59 -11.92 19.14
CA TYR B 466 19.08 -12.77 20.20
C TYR B 466 19.41 -12.09 21.52
N THR B 467 19.24 -10.79 21.61
CA THR B 467 19.60 -9.99 22.76
C THR B 467 18.50 -10.00 23.82
N ALA B 468 18.90 -9.99 25.10
CA ALA B 468 17.98 -9.95 26.22
C ALA B 468 18.52 -9.11 27.37
N ALA B 469 17.61 -8.40 28.04
CA ALA B 469 17.94 -7.60 29.21
C ALA B 469 16.90 -7.84 30.31
N PHE B 470 17.37 -8.23 31.48
CA PHE B 470 16.48 -8.54 32.60
C PHE B 470 17.13 -8.24 33.95
N ALA B 471 16.31 -8.20 35.00
CA ALA B 471 16.75 -7.85 36.34
C ALA B 471 16.65 -9.02 37.32
N VAL B 472 17.66 -9.16 38.16
CA VAL B 472 17.69 -10.17 39.22
C VAL B 472 17.95 -9.50 40.57
N PHE B 473 17.14 -9.77 41.55
CA PHE B 473 17.36 -9.13 42.83
C PHE B 473 18.59 -9.65 43.51
N ASP B 474 19.30 -8.75 44.17
CA ASP B 474 20.51 -9.13 44.86
C ASP B 474 20.53 -8.89 46.36
N GLN B 475 21.34 -9.70 47.02
CA GLN B 475 21.54 -9.65 48.46
C GLN B 475 22.10 -8.34 48.91
N SER B 476 21.72 -7.93 50.10
CA SER B 476 22.51 -6.92 50.79
C SER B 476 22.29 -5.65 50.06
N ARG B 477 22.63 -5.67 48.78
CA ARG B 477 22.35 -4.55 47.93
C ARG B 477 20.85 -4.47 47.68
N GLU B 478 20.30 -3.27 47.64
CA GLU B 478 18.93 -3.10 47.18
C GLU B 478 19.06 -3.06 45.68
N THR B 479 19.60 -4.09 45.12
CA THR B 479 19.81 -3.91 43.74
C THR B 479 19.10 -4.97 43.04
N ASP B 480 18.39 -4.55 42.03
CA ASP B 480 18.23 -5.37 40.91
C ASP B 480 19.59 -5.26 40.25
N LEU B 481 20.11 -6.36 39.77
CA LEU B 481 21.28 -6.37 38.95
C LEU B 481 20.80 -6.43 37.54
N LEU B 482 21.50 -5.77 36.65
CA LEU B 482 21.15 -5.79 35.27
C LEU B 482 22.00 -6.77 34.57
N ILE B 483 21.36 -7.69 33.88
CA ILE B 483 22.02 -8.75 33.13
C ILE B 483 21.67 -8.65 31.65
N ILE B 484 22.70 -8.66 30.81
CA ILE B 484 22.52 -8.69 29.36
C ILE B 484 23.01 -10.02 28.78
N THR B 485 22.10 -10.72 28.10
CA THR B 485 22.44 -11.91 27.34
C THR B 485 22.35 -11.59 25.86
N PHE B 486 23.25 -12.15 25.07
CA PHE B 486 23.27 -11.92 23.62
C PHE B 486 24.02 -13.02 22.88
N SER B 487 23.84 -13.05 21.56
CA SER B 487 24.58 -13.97 20.70
C SER B 487 25.49 -13.16 19.77
N PRO B 488 26.79 -13.46 19.79
CA PRO B 488 27.76 -12.71 18.98
C PRO B 488 27.67 -13.09 17.51
N GLU B 489 28.00 -12.12 16.65
CA GLU B 489 28.09 -12.36 15.22
C GLU B 489 29.22 -13.35 14.94
N SER B 490 30.39 -13.07 15.51
CA SER B 490 31.57 -13.90 15.33
C SER B 490 31.52 -15.14 16.22
N GLU B 491 32.13 -16.22 15.73
CA GLU B 491 32.12 -17.52 16.41
C GLU B 491 33.26 -17.69 17.42
N GLN B 492 34.37 -16.98 17.20
CA GLN B 492 35.57 -17.13 18.03
C GLN B 492 35.51 -16.39 19.35
N PHE B 493 36.20 -16.95 20.34
CA PHE B 493 36.18 -16.48 21.73
C PHE B 493 36.66 -15.03 21.91
N GLU B 494 37.75 -14.69 21.21
CA GLU B 494 38.37 -13.36 21.29
C GLU B 494 37.39 -12.24 20.92
N GLN B 495 36.71 -12.42 19.79
CA GLN B 495 35.78 -11.42 19.27
C GLN B 495 34.53 -11.24 20.12
N GLY B 496 34.08 -12.32 20.75
CA GLY B 496 32.95 -12.28 21.67
C GLY B 496 33.21 -11.36 22.85
N ILE B 497 34.44 -11.42 23.37
CA ILE B 497 34.89 -10.56 24.47
C ILE B 497 34.87 -9.08 24.07
N LYS B 498 35.40 -8.78 22.89
CA LYS B 498 35.43 -7.41 22.37
C LYS B 498 34.05 -6.76 22.35
N VAL B 499 33.04 -7.55 21.97
CA VAL B 499 31.66 -7.10 21.92
C VAL B 499 31.12 -6.82 23.32
N VAL B 500 31.45 -7.70 24.27
CA VAL B 500 31.08 -7.53 25.68
C VAL B 500 31.54 -6.16 26.21
N ARG B 501 32.80 -5.81 25.91
CA ARG B 501 33.36 -4.51 26.27
C ARG B 501 32.56 -3.36 25.65
N LYS B 502 32.22 -3.50 24.37
CA LYS B 502 31.42 -2.50 23.65
C LYS B 502 30.02 -2.36 24.21
N ILE B 503 29.39 -3.48 24.57
CA ILE B 503 28.07 -3.49 25.19
C ILE B 503 28.09 -2.69 26.49
N ARG B 504 29.03 -3.04 27.38
CA ARG B 504 29.19 -2.36 28.66
C ARG B 504 29.47 -0.87 28.47
N SER B 505 30.33 -0.54 27.51
CA SER B 505 30.64 0.84 27.17
C SER B 505 29.41 1.61 26.66
N HIS B 506 28.61 0.94 25.82
CA HIS B 506 27.44 1.56 25.20
C HIS B 506 26.28 1.74 26.14
N VAL B 507 26.04 0.74 26.99
CA VAL B 507 24.94 0.80 27.95
C VAL B 507 25.16 1.90 29.00
N THR B 508 26.40 2.01 29.48
CA THR B 508 26.76 3.03 30.47
C THR B 508 26.56 4.46 29.97
N GLN B 509 26.96 4.70 28.72
CA GLN B 509 26.88 6.03 28.12
C GLN B 509 25.45 6.43 27.76
N LYS B 510 24.62 5.46 27.39
CA LYS B 510 23.28 5.75 26.90
C LYS B 510 22.23 5.68 28.00
N PHE B 511 22.44 4.82 29.00
CA PHE B 511 21.44 4.61 30.05
C PHE B 511 21.89 4.99 31.46
N GLY B 512 23.17 5.32 31.62
CA GLY B 512 23.71 5.74 32.91
C GLY B 512 23.78 4.65 33.97
N ILE B 513 23.86 3.39 33.51
CA ILE B 513 24.02 2.24 34.39
C ILE B 513 24.97 1.22 33.78
N ALA B 514 25.72 0.55 34.65
CA ALA B 514 26.62 -0.52 34.23
C ALA B 514 25.93 -1.87 34.41
N PRO B 515 25.92 -2.69 33.35
CA PRO B 515 25.41 -4.06 33.47
C PRO B 515 26.32 -4.91 34.36
N ALA B 516 25.71 -5.61 35.32
CA ALA B 516 26.44 -6.48 36.25
C ALA B 516 27.10 -7.66 35.54
N TYR B 517 26.40 -8.24 34.57
CA TYR B 517 26.93 -9.35 33.76
C TYR B 517 26.51 -9.21 32.30
N VAL B 518 27.46 -9.40 31.40
CA VAL B 518 27.19 -9.42 29.96
C VAL B 518 27.64 -10.78 29.42
N ILE B 519 26.66 -11.62 29.10
CA ILE B 519 26.91 -13.03 28.78
C ILE B 519 26.69 -13.36 27.30
N PRO B 520 27.79 -13.69 26.58
CA PRO B 520 27.68 -14.17 25.20
C PRO B 520 27.19 -15.61 25.16
N LEU B 521 26.21 -15.89 24.30
CA LEU B 521 25.65 -17.22 24.19
C LEU B 521 25.58 -17.68 22.75
N GLU B 522 25.69 -18.99 22.54
CA GLU B 522 25.49 -19.58 21.23
C GLU B 522 24.01 -19.51 20.86
N ARG B 523 23.73 -19.36 19.56
CA ARG B 523 22.37 -19.20 19.05
C ARG B 523 21.37 -20.21 19.62
N ASN B 524 21.81 -21.45 19.78
CA ASN B 524 20.94 -22.53 20.32
C ASN B 524 20.61 -22.42 21.80
N LEU B 525 21.44 -21.68 22.55
CA LEU B 525 21.21 -21.49 23.98
C LEU B 525 20.18 -20.39 24.30
N VAL B 526 19.85 -19.58 23.29
CA VAL B 526 18.84 -18.53 23.46
C VAL B 526 17.45 -19.10 23.16
N PRO B 527 16.63 -19.27 24.21
CA PRO B 527 15.31 -19.87 24.03
C PRO B 527 14.29 -18.88 23.46
N LYS B 528 13.58 -19.32 22.42
CA LYS B 528 12.60 -18.48 21.73
C LYS B 528 11.27 -19.21 21.59
N THR B 529 10.19 -18.44 21.59
CA THR B 529 8.88 -18.97 21.22
C THR B 529 8.89 -19.25 19.72
N SER B 530 7.85 -19.94 19.24
CA SER B 530 7.71 -20.25 17.81
C SER B 530 7.84 -19.01 16.93
N ILE B 531 7.37 -17.88 17.43
CA ILE B 531 7.37 -16.63 16.65
C ILE B 531 8.67 -15.83 16.73
N GLY B 532 9.62 -16.31 17.53
CA GLY B 532 10.94 -15.70 17.63
C GLY B 532 11.13 -14.73 18.78
N LYS B 533 10.19 -14.72 19.73
CA LYS B 533 10.29 -13.88 20.91
C LYS B 533 11.20 -14.55 21.94
N VAL B 534 12.24 -13.83 22.36
CA VAL B 534 13.19 -14.34 23.35
C VAL B 534 12.50 -14.54 24.69
N GLN B 535 12.54 -15.78 25.19
CA GLN B 535 11.95 -16.14 26.47
C GLN B 535 12.87 -15.72 27.61
N LYS B 536 12.73 -14.46 28.03
CA LYS B 536 13.59 -13.86 29.05
C LYS B 536 13.47 -14.54 30.41
N SER B 537 12.27 -14.98 30.76
CA SER B 537 12.01 -15.64 32.03
C SER B 537 12.77 -16.96 32.18
N LYS B 538 12.93 -17.68 31.06
CA LYS B 538 13.73 -18.91 31.05
C LYS B 538 15.22 -18.59 31.23
N LEU B 539 15.67 -17.51 30.60
CA LEU B 539 17.06 -17.04 30.75
C LEU B 539 17.35 -16.55 32.16
N LYS B 540 16.36 -15.92 32.80
CA LYS B 540 16.49 -15.46 34.18
C LYS B 540 16.62 -16.65 35.13
N LYS B 541 15.82 -17.69 34.88
CA LYS B 541 15.87 -18.93 35.65
C LYS B 541 17.21 -19.66 35.47
N ASP B 542 17.71 -19.67 34.23
CA ASP B 542 19.01 -20.29 33.91
C ASP B 542 20.16 -19.59 34.62
N PHE B 543 20.12 -18.26 34.66
CA PHE B 543 21.14 -17.47 35.34
C PHE B 543 21.14 -17.73 36.85
N GLU B 544 19.96 -17.67 37.45
CA GLU B 544 19.79 -17.84 38.90
C GLU B 544 20.16 -19.24 39.39
N GLN B 545 19.97 -20.24 38.55
CA GLN B 545 20.37 -21.61 38.86
C GLN B 545 21.88 -21.83 38.68
N GLY B 546 22.54 -20.88 38.04
CA GLY B 546 23.99 -20.90 37.86
C GLY B 546 24.48 -21.61 36.60
N LEU B 547 23.63 -21.65 35.58
CA LEU B 547 23.97 -22.33 34.32
C LEU B 547 25.03 -21.59 33.49
N PHE B 548 25.19 -20.29 33.73
CA PHE B 548 26.17 -19.49 32.99
C PHE B 548 27.46 -19.23 33.78
N SER B 549 27.52 -19.77 35.00
CA SER B 549 28.64 -19.55 35.92
C SER B 549 30.01 -19.88 35.32
N SER B 550 30.13 -21.04 34.67
CA SER B 550 31.39 -21.46 34.06
C SER B 550 31.79 -20.55 32.90
N ARG B 551 30.78 -20.06 32.17
CA ARG B 551 30.99 -19.13 31.07
C ARG B 551 31.41 -17.75 31.59
N ILE B 552 30.73 -17.29 32.65
CA ILE B 552 31.07 -16.04 33.32
C ILE B 552 32.47 -16.10 33.92
N GLN B 553 32.82 -17.23 34.53
CA GLN B 553 34.15 -17.45 35.10
C GLN B 553 35.22 -17.45 34.03
N GLU B 554 34.95 -18.13 32.90
CA GLU B 554 35.88 -18.19 31.78
C GLU B 554 36.19 -16.80 31.21
N ILE B 555 35.16 -15.96 31.11
CA ILE B 555 35.31 -14.59 30.62
C ILE B 555 36.12 -13.74 31.60
N ASP B 556 35.70 -13.75 32.87
CA ASP B 556 36.35 -12.98 33.93
C ASP B 556 37.82 -13.36 34.10
N GLN B 557 38.12 -14.65 33.99
CA GLN B 557 39.49 -15.15 34.11
C GLN B 557 40.36 -14.74 32.92
N TYR B 558 39.75 -14.71 31.73
CA TYR B 558 40.45 -14.24 30.53
C TYR B 558 40.73 -12.74 30.65
N LEU B 559 39.74 -11.98 31.10
CA LEU B 559 39.87 -10.53 31.26
C LEU B 559 40.92 -10.13 32.30
N ALA B 560 41.00 -10.91 33.39
CA ALA B 560 41.97 -10.68 34.46
C ALA B 560 43.42 -10.84 33.97
N LYS B 561 43.66 -11.88 33.18
CA LYS B 561 44.98 -12.14 32.61
C LYS B 561 45.40 -11.10 31.59
N GLU B 562 44.41 -10.49 30.92
CA GLU B 562 44.67 -9.38 30.00
C GLU B 562 45.05 -8.11 30.76
N ARG B 563 44.45 -7.91 31.92
CA ARG B 563 44.76 -6.77 32.79
C ARG B 563 46.14 -6.88 33.45
N GLN B 564 46.67 -8.10 33.50
CA GLN B 564 47.97 -8.36 34.12
C GLN B 564 49.10 -8.32 33.10
N LYS B 565 48.87 -8.93 31.94
CA LYS B 565 49.86 -8.98 30.85
C LYS B 565 50.08 -7.62 30.21
N ASN B 566 49.02 -6.83 30.08
CA ASN B 566 49.09 -5.52 29.43
C ASN B 566 49.12 -4.34 30.40
N GLN B 567 49.41 -4.62 31.67
CA GLN B 567 49.39 -3.60 32.72
C GLN B 567 50.56 -2.63 32.61
N THR B 568 50.25 -1.34 32.75
CA THR B 568 51.26 -0.31 32.93
C THR B 568 50.88 0.53 34.16
N LEU B 569 51.80 0.58 35.13
CA LEU B 569 51.61 1.32 36.37
C LEU B 569 51.41 2.82 36.11
N PRO B 570 50.56 3.48 36.92
CA PRO B 570 50.38 4.93 36.79
C PRO B 570 51.69 5.67 37.03
N GLN B 571 52.09 6.49 36.07
CA GLN B 571 53.39 7.17 36.10
C GLN B 571 53.28 8.61 36.60
N SER B 572 52.34 9.36 36.02
CA SER B 572 52.16 10.77 36.33
C SER B 572 51.65 10.99 37.75
N GLU B 573 51.89 12.20 38.27
CA GLU B 573 51.37 12.63 39.57
C GLU B 573 49.85 12.61 39.57
N ASN B 574 49.25 13.03 38.45
CA ASN B 574 47.81 12.98 38.28
C ASN B 574 47.28 11.55 38.16
N GLU B 575 48.01 10.72 37.43
CA GLU B 575 47.67 9.31 37.24
C GLU B 575 47.69 8.52 38.55
N ARG B 576 48.68 8.81 39.40
CA ARG B 576 48.80 8.16 40.70
C ARG B 576 47.76 8.66 41.71
N GLN B 577 47.33 9.91 41.55
CA GLN B 577 46.31 10.50 42.43
C GLN B 577 44.92 9.91 42.17
N ILE B 578 44.64 9.60 40.91
CA ILE B 578 43.37 8.98 40.50
C ILE B 578 43.33 7.52 40.96
N ALA B 579 44.42 6.80 40.72
CA ALA B 579 44.56 5.40 41.15
C ALA B 579 44.38 5.24 42.66
N ALA B 580 44.83 6.24 43.42
CA ALA B 580 44.68 6.27 44.87
C ALA B 580 43.21 6.31 45.28
N VAL B 581 42.44 7.17 44.61
CA VAL B 581 40.99 7.28 44.84
C VAL B 581 40.30 5.96 44.52
N TRP B 582 40.68 5.36 43.40
CA TRP B 582 40.18 4.04 42.99
C TRP B 582 40.46 3.02 44.05
N SER B 583 41.69 3.01 44.55
CA SER B 583 42.12 2.09 45.60
C SER B 583 41.31 2.28 46.88
N GLU B 584 41.03 3.53 47.24
CA GLU B 584 40.24 3.86 48.41
C GLU B 584 38.81 3.33 48.30
N VAL B 585 38.23 3.42 47.11
CA VAL B 585 36.82 3.06 46.90
C VAL B 585 36.66 1.57 46.57
N LEU B 586 37.48 1.06 45.64
CA LEU B 586 37.40 -0.34 45.22
C LEU B 586 38.13 -1.31 46.16
N GLN B 587 38.87 -0.75 47.12
CA GLN B 587 39.68 -1.54 48.06
C GLN B 587 40.66 -2.46 47.33
N LEU B 588 41.39 -1.88 46.39
CA LEU B 588 42.35 -2.62 45.55
C LEU B 588 43.77 -2.07 45.66
N THR B 589 44.73 -2.82 45.11
CA THR B 589 46.14 -2.46 45.21
C THR B 589 46.78 -2.13 43.87
N SER B 590 46.76 -3.09 42.93
CA SER B 590 47.35 -2.87 41.61
C SER B 590 46.30 -2.38 40.62
N VAL B 591 46.36 -1.09 40.31
CA VAL B 591 45.45 -0.48 39.35
C VAL B 591 46.22 -0.14 38.08
N GLY B 592 45.83 -0.77 36.98
CA GLY B 592 46.41 -0.46 35.67
C GLY B 592 45.78 0.78 35.07
N LEU B 593 46.53 1.45 34.19
CA LEU B 593 46.05 2.64 33.48
C LEU B 593 44.96 2.30 32.48
N GLU B 594 45.02 1.08 31.94
CA GLU B 594 44.07 0.60 30.94
C GLU B 594 42.97 -0.28 31.55
N ASP B 595 42.89 -0.28 32.88
CA ASP B 595 41.89 -1.07 33.60
C ASP B 595 40.54 -0.37 33.66
N ASN B 596 39.51 -1.05 33.16
CA ASN B 596 38.15 -0.55 33.20
C ASN B 596 37.57 -0.61 34.61
N PHE B 597 36.96 0.50 35.05
CA PHE B 597 36.44 0.65 36.41
C PHE B 597 35.43 -0.42 36.81
N PHE B 598 34.60 -0.83 35.85
CA PHE B 598 33.52 -1.79 36.13
C PHE B 598 34.01 -3.23 36.08
N GLU B 599 35.03 -3.49 35.26
CA GLU B 599 35.69 -4.79 35.21
C GLU B 599 36.37 -5.12 36.54
N LEU B 600 36.73 -4.09 37.31
CA LEU B 600 37.39 -4.25 38.59
C LEU B 600 36.42 -4.39 39.76
N GLY B 601 35.12 -4.41 39.45
CA GLY B 601 34.08 -4.61 40.46
C GLY B 601 33.40 -3.32 40.88
N GLY B 602 33.57 -2.27 40.07
CA GLY B 602 32.95 -0.99 40.35
C GLY B 602 31.46 -0.97 40.05
N HIS B 603 30.68 -0.43 40.98
CA HIS B 603 29.24 -0.26 40.79
C HIS B 603 28.86 1.19 40.87
N SER B 604 27.56 1.47 40.82
CA SER B 604 27.04 2.84 40.83
C SER B 604 27.50 3.66 42.03
N ILE B 605 27.39 3.08 43.23
CA ILE B 605 27.79 3.74 44.47
C ILE B 605 29.29 4.06 44.51
N HIS B 606 30.08 3.16 43.92
CA HIS B 606 31.53 3.32 43.86
C HIS B 606 31.95 4.46 42.97
N LEU B 607 31.23 4.63 41.87
CA LEU B 607 31.52 5.69 40.89
C LEU B 607 31.20 7.07 41.44
N ILE B 608 30.11 7.18 42.20
CA ILE B 608 29.71 8.45 42.83
C ILE B 608 30.74 8.87 43.89
N ARG B 609 31.25 7.88 44.64
CA ARG B 609 32.31 8.11 45.62
C ARG B 609 33.56 8.68 44.96
N VAL B 610 34.02 8.03 43.90
CA VAL B 610 35.17 8.49 43.11
C VAL B 610 34.92 9.90 42.58
N GLN B 611 33.72 10.12 42.04
CA GLN B 611 33.31 11.42 41.50
C GLN B 611 33.46 12.56 42.51
N ASN B 612 32.91 12.37 43.70
CA ASN B 612 32.95 13.39 44.76
C ASN B 612 34.37 13.70 45.24
N GLU B 613 35.23 12.68 45.22
CA GLU B 613 36.62 12.84 45.64
C GLU B 613 37.47 13.56 44.58
N LEU B 614 37.23 13.24 43.31
CA LEU B 614 37.94 13.89 42.20
C LEU B 614 37.52 15.34 42.01
N GLU B 615 36.28 15.66 42.40
CA GLU B 615 35.78 17.04 42.38
C GLU B 615 36.49 17.91 43.42
N LYS B 616 36.82 17.32 44.57
CA LYS B 616 37.52 18.01 45.64
C LYS B 616 39.02 18.17 45.33
N LEU B 617 39.61 17.14 44.73
CA LEU B 617 41.05 17.13 44.45
C LEU B 617 41.45 18.03 43.28
N PHE B 618 40.67 18.00 42.21
CA PHE B 618 40.97 18.81 41.03
C PHE B 618 40.22 20.14 41.03
N ASN B 619 39.52 20.42 42.13
CA ASN B 619 38.78 21.68 42.36
C ASN B 619 37.89 22.12 41.20
N ARG B 620 37.10 21.18 40.67
CA ARG B 620 36.21 21.46 39.55
C ARG B 620 34.96 20.57 39.59
N GLN B 621 34.00 20.89 38.73
CA GLN B 621 32.76 20.13 38.65
C GLN B 621 32.86 19.01 37.62
N LEU B 622 32.37 17.83 37.99
CA LEU B 622 32.34 16.67 37.09
C LEU B 622 30.92 16.13 36.96
N SER B 623 30.46 16.01 35.72
CA SER B 623 29.11 15.51 35.46
C SER B 623 29.05 13.99 35.57
N LEU B 624 27.87 13.50 35.93
CA LEU B 624 27.62 12.07 36.16
C LEU B 624 27.96 11.21 34.93
N ALA B 625 27.77 11.77 33.74
CA ALA B 625 27.99 11.06 32.47
C ALA B 625 29.45 11.10 32.00
N GLU B 626 30.20 12.10 32.46
CA GLU B 626 31.62 12.23 32.14
C GLU B 626 32.46 11.10 32.76
N MSE B 627 31.97 10.58 33.89
CA MSE B 627 32.61 9.45 34.58
C MSE B 627 32.47 8.20 33.74
O MSE B 627 33.44 7.46 33.56
CB MSE B 627 31.98 9.21 35.95
CG MSE B 627 32.03 10.41 36.88
SE MSE B 627 33.87 10.81 37.48
CE MSE B 627 34.35 9.04 38.21
N PHE B 628 31.26 7.97 33.22
CA PHE B 628 30.98 6.81 32.37
C PHE B 628 31.78 6.86 31.06
N LYS B 629 31.99 8.07 30.54
CA LYS B 629 32.71 8.27 29.30
C LYS B 629 34.19 7.95 29.42
N ASN B 630 34.74 8.18 30.62
CA ASN B 630 36.14 7.89 30.91
C ASN B 630 36.27 6.84 32.04
N PRO B 631 36.12 5.55 31.69
CA PRO B 631 36.08 4.49 32.69
C PRO B 631 37.46 3.91 33.08
N THR B 632 38.53 4.57 32.65
CA THR B 632 39.89 4.17 33.01
C THR B 632 40.64 5.32 33.68
N VAL B 633 41.78 5.01 34.29
CA VAL B 633 42.63 6.02 34.93
C VAL B 633 43.26 6.93 33.88
N ALA B 634 43.77 6.32 32.80
CA ALA B 634 44.38 7.06 31.70
C ALA B 634 43.45 8.11 31.08
N THR B 635 42.21 7.71 30.79
CA THR B 635 41.23 8.61 30.17
C THR B 635 40.75 9.70 31.13
N LEU B 636 40.71 9.37 32.42
CA LEU B 636 40.40 10.36 33.46
C LEU B 636 41.53 11.36 33.64
N ALA B 637 42.76 10.89 33.44
CA ALA B 637 43.96 11.74 33.57
C ALA B 637 44.09 12.71 32.40
N ARG B 638 43.70 12.28 31.20
CA ARG B 638 43.71 13.13 30.02
C ARG B 638 42.59 14.18 30.08
N PHE B 639 41.48 13.81 30.69
CA PHE B 639 40.36 14.73 30.90
C PHE B 639 40.69 15.79 31.95
N LEU B 640 41.48 15.38 32.94
CA LEU B 640 41.87 16.28 34.04
C LEU B 640 43.35 16.67 33.96
N SER B 641 43.66 17.50 32.97
CA SER B 641 45.03 18.00 32.77
C SER B 641 45.05 19.38 32.13
C FA5 C . -6.24 16.74 -23.70
O FA5 C . -7.36 17.09 -23.34
CA FA5 C . -5.22 16.33 -22.68
N FA5 C . -5.20 17.41 -21.72
CB FA5 C . -5.58 15.03 -21.97
CG FA5 C . -4.71 14.54 -20.80
CD1 FA5 C . -3.80 15.35 -20.12
CD2 FA5 C . -4.84 13.21 -20.38
CE1 FA5 C . -3.04 14.84 -19.06
CE2 FA5 C . -4.08 12.69 -19.32
CZ FA5 C . -3.18 13.51 -18.65
P FA5 C . -6.36 17.97 -26.12
OP1 FA5 C . -7.74 17.71 -26.67
OP2 FA5 C . -5.23 18.20 -27.08
OP3 FA5 C . -5.96 16.76 -25.13
O5' FA5 C . -6.51 19.28 -25.18
C5' FA5 C . -5.39 19.88 -24.53
C4' FA5 C . -5.88 21.12 -23.80
O4' FA5 C . -6.78 20.80 -22.73
C3' FA5 C . -4.76 21.91 -23.14
O3' FA5 C . -4.09 22.75 -24.06
C2' FA5 C . -5.51 22.69 -22.09
O2' FA5 C . -6.09 23.87 -22.66
C1' FA5 C . -6.63 21.76 -21.67
N9 FA5 C . -6.24 21.08 -20.41
C8 FA5 C . -5.78 19.83 -20.29
N7 FA5 C . -5.53 19.50 -19.00
C5 FA5 C . -5.81 20.58 -18.25
C6 FA5 C . -5.77 20.94 -16.81
N6 FA5 C . -5.36 20.04 -15.88
N1 FA5 C . -6.17 22.18 -16.44
C2 FA5 C . -6.59 23.09 -17.35
N3 FA5 C . -6.66 22.83 -18.68
C4 FA5 C . -6.29 21.62 -19.18
C FA5 D . 1.35 -13.65 20.70
O FA5 D . 2.53 -13.31 20.73
CA FA5 D . 0.35 -12.75 20.03
N FA5 D . 0.51 -11.47 20.69
CB FA5 D . 0.64 -12.54 18.53
CG FA5 D . -0.19 -11.51 17.75
CD1 FA5 D . -0.70 -10.34 18.31
CD2 FA5 D . -0.43 -11.73 16.39
CE1 FA5 D . -1.45 -9.42 17.55
CE2 FA5 D . -1.17 -10.83 15.61
CZ FA5 D . -1.68 -9.67 16.20
P FA5 D . 1.48 -15.39 22.80
OP1 FA5 D . 2.58 -16.40 22.62
OP2 FA5 D . 0.27 -15.77 23.62
OP3 FA5 D . 0.97 -14.91 21.34
O5' FA5 D . 2.13 -14.09 23.49
C5' FA5 D . 1.30 -13.11 24.09
C4' FA5 D . 2.19 -12.14 24.84
O4' FA5 D . 3.08 -11.46 23.96
C3' FA5 D . 1.39 -11.04 25.49
O3' FA5 D . 0.84 -11.46 26.74
C2' FA5 D . 2.42 -9.94 25.64
O2' FA5 D . 3.17 -10.16 26.83
C1' FA5 D . 3.32 -10.14 24.44
N9 FA5 D . 2.99 -9.14 23.40
C8 FA5 D . 2.23 -9.34 22.30
N7 FA5 D . 2.12 -8.22 21.55
C5 FA5 D . 2.82 -7.25 22.18
C6 FA5 D . 3.12 -5.82 21.95
N6 FA5 D . 2.64 -5.17 20.86
N1 FA5 D . 3.88 -5.17 22.86
C2 FA5 D . 4.37 -5.80 23.95
N3 FA5 D . 4.14 -7.09 24.23
C4 FA5 D . 3.38 -7.86 23.40
#